data_6V8E
#
_entry.id   6V8E
#
_cell.length_a   69.470
_cell.length_b   64.910
_cell.length_c   99.030
_cell.angle_alpha   90.00
_cell.angle_beta   106.33
_cell.angle_gamma   90.00
#
_symmetry.space_group_name_H-M   'P 1 21 1'
#
loop_
_entity.id
_entity.type
_entity.pdbx_description
1 polymer 'Designed protein'
2 water water
#
_entity_poly.entity_id   1
_entity_poly.type   'polypeptide(L)'
_entity_poly.pdbx_seq_one_letter_code
;EEAELAYLLGELAYKLGEYRIAIRAYRIALKRDPNNAEAWYNLGNAYYKQGDYDEAIEYYQKALELDPNNAEAWYNLGNA
YYKQGDYDEAIEYYQKALELDPNNAEAKQNLGNAKQKQG
;
_entity_poly.pdbx_strand_id   A,B,C,D,E,F
#
# COMPACT_ATOMS: atom_id res chain seq x y z
N GLU A 1 -8.02 26.71 9.49
CA GLU A 1 -7.54 26.20 10.81
C GLU A 1 -7.37 24.66 10.80
N GLU A 2 -7.59 23.98 11.93
CA GLU A 2 -7.19 22.59 12.06
C GLU A 2 -7.97 21.70 11.07
N ALA A 3 -9.26 22.02 10.86
CA ALA A 3 -10.07 21.26 9.92
C ALA A 3 -9.52 21.41 8.51
N GLU A 4 -9.10 22.64 8.16
CA GLU A 4 -8.50 22.91 6.85
C GLU A 4 -7.15 22.18 6.67
N LEU A 5 -6.33 22.15 7.74
CA LEU A 5 -5.10 21.40 7.73
C LEU A 5 -5.36 19.90 7.50
N ALA A 6 -6.31 19.34 8.25
CA ALA A 6 -6.73 17.96 8.10
C ALA A 6 -7.16 17.68 6.66
N TYR A 7 -7.89 18.62 6.08
CA TYR A 7 -8.39 18.48 4.72
C TYR A 7 -7.24 18.46 3.72
N LEU A 8 -6.31 19.41 3.89
CA LEU A 8 -5.19 19.50 3.01
C LEU A 8 -4.32 18.22 3.08
N LEU A 9 -4.22 17.63 4.29
CA LEU A 9 -3.42 16.45 4.52
C LEU A 9 -4.05 15.29 3.79
N GLY A 10 -5.39 15.22 3.85
CA GLY A 10 -6.15 14.20 3.16
C GLY A 10 -6.00 14.27 1.62
N GLU A 11 -6.09 15.50 1.09
CA GLU A 11 -5.85 15.72 -0.32
C GLU A 11 -4.44 15.29 -0.73
N LEU A 12 -3.43 15.76 0.03
CA LEU A 12 -2.05 15.39 -0.25
C LEU A 12 -1.87 13.87 -0.25
N ALA A 13 -2.38 13.21 0.78
CA ALA A 13 -2.27 11.77 0.93
C ALA A 13 -2.95 11.05 -0.24
N TYR A 14 -4.16 11.53 -0.61
CA TYR A 14 -4.93 11.02 -1.73
C TYR A 14 -4.15 11.09 -3.04
N LYS A 15 -3.64 12.28 -3.36
CA LYS A 15 -2.84 12.52 -4.55
C LYS A 15 -1.63 11.62 -4.66
N LEU A 16 -1.11 11.16 -3.52
CA LEU A 16 0.06 10.29 -3.52
C LEU A 16 -0.29 8.81 -3.36
N GLY A 17 -1.58 8.48 -3.37
CA GLY A 17 -2.03 7.12 -3.33
C GLY A 17 -2.06 6.47 -1.96
N GLU A 18 -2.01 7.27 -0.89
CA GLU A 18 -2.03 6.78 0.48
C GLU A 18 -3.46 6.94 1.01
N TYR A 19 -4.35 6.05 0.55
CA TYR A 19 -5.79 6.21 0.73
C TYR A 19 -6.25 6.04 2.18
N ARG A 20 -5.61 5.13 2.90
CA ARG A 20 -5.91 4.91 4.31
C ARG A 20 -5.61 6.18 5.14
N ILE A 21 -4.46 6.81 4.87
CA ILE A 21 -4.07 8.05 5.53
C ILE A 21 -5.06 9.16 5.11
N ALA A 22 -5.41 9.23 3.83
CA ALA A 22 -6.39 10.21 3.36
C ALA A 22 -7.70 10.08 4.13
N ILE A 23 -8.18 8.85 4.29
CA ILE A 23 -9.45 8.59 4.97
C ILE A 23 -9.36 9.08 6.41
N ARG A 24 -8.27 8.75 7.11
CA ARG A 24 -8.14 9.12 8.51
C ARG A 24 -8.10 10.67 8.66
N ALA A 25 -7.40 11.35 7.74
CA ALA A 25 -7.32 12.79 7.73
C ALA A 25 -8.66 13.47 7.42
N TYR A 26 -9.37 12.98 6.40
CA TYR A 26 -10.68 13.51 6.03
C TYR A 26 -11.70 13.31 7.17
N ARG A 27 -11.60 12.19 7.90
CA ARG A 27 -12.40 11.95 9.09
C ARG A 27 -12.22 13.03 10.15
N ILE A 28 -10.98 13.49 10.34
CA ILE A 28 -10.72 14.55 11.31
C ILE A 28 -11.33 15.88 10.81
N ALA A 29 -11.19 16.14 9.52
CA ALA A 29 -11.75 17.31 8.92
C ALA A 29 -13.29 17.35 9.13
N LEU A 30 -13.92 16.21 8.84
CA LEU A 30 -15.38 16.06 8.93
C LEU A 30 -15.90 16.05 10.37
N LYS A 31 -15.08 15.58 11.32
CA LYS A 31 -15.43 15.64 12.70
C LYS A 31 -15.58 17.09 13.10
N ARG A 32 -14.68 17.94 12.60
CA ARG A 32 -14.68 19.35 12.92
C ARG A 32 -15.69 20.14 12.11
N ASP A 33 -15.91 19.75 10.85
CA ASP A 33 -16.81 20.44 9.94
C ASP A 33 -17.68 19.42 9.19
N PRO A 34 -18.74 18.89 9.82
CA PRO A 34 -19.52 17.78 9.26
C PRO A 34 -20.30 18.09 8.02
N ASN A 35 -20.55 19.39 7.77
CA ASN A 35 -21.29 19.78 6.57
C ASN A 35 -20.42 20.27 5.42
N ASN A 36 -19.15 19.91 5.44
CA ASN A 36 -18.25 20.18 4.31
C ASN A 36 -18.48 19.18 3.14
N ALA A 37 -19.27 19.62 2.16
CA ALA A 37 -19.59 18.81 0.96
C ALA A 37 -18.35 18.23 0.23
N GLU A 38 -17.31 19.04 0.13
CA GLU A 38 -16.12 18.66 -0.60
C GLU A 38 -15.29 17.60 0.17
N ALA A 39 -15.29 17.70 1.50
CA ALA A 39 -14.70 16.64 2.33
C ALA A 39 -15.42 15.27 2.17
N TRP A 40 -16.75 15.28 2.17
CA TRP A 40 -17.53 14.05 1.91
C TRP A 40 -17.22 13.48 0.54
N TYR A 41 -17.15 14.35 -0.44
CA TYR A 41 -16.85 13.96 -1.81
C TYR A 41 -15.48 13.28 -1.87
N ASN A 42 -14.48 13.92 -1.24
CA ASN A 42 -13.15 13.38 -1.29
C ASN A 42 -12.95 12.08 -0.48
N LEU A 43 -13.68 11.98 0.62
CA LEU A 43 -13.70 10.76 1.39
C LEU A 43 -14.24 9.66 0.47
N GLY A 44 -15.30 10.00 -0.29
CA GLY A 44 -15.86 9.12 -1.27
C GLY A 44 -14.85 8.62 -2.27
N ASN A 45 -14.08 9.55 -2.85
CA ASN A 45 -13.05 9.17 -3.78
C ASN A 45 -12.02 8.22 -3.19
N ALA A 46 -11.61 8.47 -1.94
CA ALA A 46 -10.59 7.63 -1.29
C ALA A 46 -11.06 6.16 -1.17
N TYR A 47 -12.32 6.00 -0.77
CA TYR A 47 -12.96 4.68 -0.74
C TYR A 47 -13.11 4.05 -2.14
N TYR A 48 -13.53 4.87 -3.11
CA TYR A 48 -13.60 4.46 -4.51
C TYR A 48 -12.28 3.87 -4.99
N LYS A 49 -11.17 4.58 -4.72
CA LYS A 49 -9.87 4.15 -5.14
C LYS A 49 -9.45 2.83 -4.53
N GLN A 50 -9.98 2.51 -3.35
CA GLN A 50 -9.73 1.22 -2.69
C GLN A 50 -10.69 0.10 -3.09
N GLY A 51 -11.63 0.36 -4.00
CA GLY A 51 -12.58 -0.65 -4.44
C GLY A 51 -13.79 -0.81 -3.56
N ASP A 52 -13.93 0.06 -2.54
CA ASP A 52 -15.08 0.03 -1.60
C ASP A 52 -16.21 0.91 -2.14
N TYR A 53 -16.93 0.39 -3.14
CA TYR A 53 -17.91 1.15 -3.89
C TYR A 53 -19.16 1.54 -3.11
N ASP A 54 -19.58 0.67 -2.20
CA ASP A 54 -20.76 0.93 -1.36
C ASP A 54 -20.49 2.11 -0.44
N GLU A 55 -19.27 2.22 0.07
CA GLU A 55 -18.91 3.33 0.93
C GLU A 55 -18.80 4.61 0.10
N ALA A 56 -18.11 4.49 -1.04
CA ALA A 56 -18.02 5.60 -1.99
C ALA A 56 -19.44 6.15 -2.28
N ILE A 57 -20.37 5.26 -2.64
CA ILE A 57 -21.74 5.67 -2.94
C ILE A 57 -22.36 6.46 -1.78
N GLU A 58 -22.26 5.92 -0.57
CA GLU A 58 -22.80 6.59 0.60
C GLU A 58 -22.27 8.02 0.76
N TYR A 59 -20.96 8.21 0.58
CA TYR A 59 -20.33 9.53 0.79
C TYR A 59 -20.52 10.50 -0.37
N TYR A 60 -20.59 9.97 -1.60
CA TYR A 60 -21.01 10.78 -2.73
C TYR A 60 -22.43 11.32 -2.51
N GLN A 61 -23.31 10.44 -1.99
CA GLN A 61 -24.69 10.81 -1.77
C GLN A 61 -24.75 11.92 -0.77
N LYS A 62 -23.99 11.79 0.32
CA LYS A 62 -23.94 12.77 1.40
C LYS A 62 -23.46 14.11 0.86
N ALA A 63 -22.39 14.08 0.05
CA ALA A 63 -21.83 15.27 -0.56
C ALA A 63 -22.84 16.02 -1.43
N LEU A 64 -23.59 15.25 -2.24
CA LEU A 64 -24.63 15.77 -3.13
C LEU A 64 -25.88 16.31 -2.41
N GLU A 65 -26.22 15.78 -1.24
CA GLU A 65 -27.30 16.33 -0.43
C GLU A 65 -26.92 17.72 -0.03
N LEU A 66 -25.67 17.89 0.37
CA LEU A 66 -25.11 19.16 0.82
C LEU A 66 -24.87 20.13 -0.38
N ASP A 67 -24.34 19.62 -1.49
CA ASP A 67 -24.10 20.44 -2.66
C ASP A 67 -24.45 19.71 -3.95
N PRO A 68 -25.72 19.74 -4.39
CA PRO A 68 -26.14 19.00 -5.57
C PRO A 68 -25.48 19.47 -6.89
N ASN A 69 -24.87 20.64 -6.88
CA ASN A 69 -24.30 21.25 -8.04
C ASN A 69 -22.86 20.83 -8.32
N ASN A 70 -22.46 19.66 -7.80
CA ASN A 70 -21.15 19.11 -8.01
C ASN A 70 -21.17 18.03 -9.09
N ALA A 71 -20.86 18.43 -10.32
CA ALA A 71 -20.96 17.56 -11.49
C ALA A 71 -20.08 16.32 -11.40
N GLU A 72 -18.88 16.50 -10.84
CA GLU A 72 -17.92 15.44 -10.72
C GLU A 72 -18.40 14.36 -9.73
N ALA A 73 -19.17 14.79 -8.71
CA ALA A 73 -19.72 13.87 -7.72
C ALA A 73 -20.78 12.98 -8.39
N TRP A 74 -21.67 13.58 -9.18
CA TRP A 74 -22.66 12.84 -9.95
C TRP A 74 -21.99 11.79 -10.84
N TYR A 75 -20.90 12.20 -11.49
CA TYR A 75 -20.10 11.37 -12.38
C TYR A 75 -19.49 10.17 -11.65
N ASN A 76 -18.89 10.40 -10.48
CA ASN A 76 -18.28 9.34 -9.71
C ASN A 76 -19.27 8.42 -9.06
N LEU A 77 -20.43 8.97 -8.72
CA LEU A 77 -21.54 8.17 -8.25
C LEU A 77 -21.92 7.18 -9.35
N GLY A 78 -22.02 7.68 -10.59
CA GLY A 78 -22.21 6.86 -11.77
C GLY A 78 -21.22 5.72 -11.87
N ASN A 79 -19.93 6.06 -11.73
CA ASN A 79 -18.84 5.10 -11.86
C ASN A 79 -18.97 4.00 -10.82
N ALA A 80 -19.30 4.38 -9.59
CA ALA A 80 -19.38 3.44 -8.49
C ALA A 80 -20.54 2.47 -8.71
N TYR A 81 -21.66 2.96 -9.24
CA TYR A 81 -22.76 2.07 -9.63
C TYR A 81 -22.38 1.18 -10.80
N TYR A 82 -21.64 1.73 -11.76
CA TYR A 82 -21.20 0.99 -12.94
C TYR A 82 -20.33 -0.18 -12.53
N LYS A 83 -19.37 0.07 -11.62
CA LYS A 83 -18.46 -0.96 -11.14
C LYS A 83 -19.14 -2.09 -10.38
N GLN A 84 -20.38 -1.86 -9.92
CA GLN A 84 -21.19 -2.92 -9.31
C GLN A 84 -22.24 -3.47 -10.24
N GLY A 85 -22.19 -3.10 -11.52
CA GLY A 85 -23.17 -3.55 -12.49
C GLY A 85 -24.60 -3.05 -12.30
N ASP A 86 -24.77 -1.93 -11.60
CA ASP A 86 -26.06 -1.26 -11.46
C ASP A 86 -26.18 -0.21 -12.57
N TYR A 87 -26.39 -0.70 -13.81
CA TYR A 87 -26.28 0.10 -15.01
C TYR A 87 -27.38 1.14 -15.14
N ASP A 88 -28.59 0.80 -14.67
CA ASP A 88 -29.70 1.74 -14.59
C ASP A 88 -29.30 2.98 -13.82
N GLU A 89 -28.84 2.76 -12.59
CA GLU A 89 -28.47 3.85 -11.70
C GLU A 89 -27.27 4.62 -12.27
N ALA A 90 -26.30 3.90 -12.86
CA ALA A 90 -25.16 4.55 -13.48
C ALA A 90 -25.59 5.50 -14.58
N ILE A 91 -26.55 5.06 -15.40
CA ILE A 91 -27.08 5.88 -16.50
C ILE A 91 -27.77 7.14 -15.99
N GLU A 92 -28.59 7.01 -14.94
CA GLU A 92 -29.25 8.16 -14.33
C GLU A 92 -28.24 9.22 -13.89
N TYR A 93 -27.14 8.80 -13.27
CA TYR A 93 -26.21 9.72 -12.65
C TYR A 93 -25.21 10.30 -13.64
N TYR A 94 -24.79 9.51 -14.63
CA TYR A 94 -24.02 10.04 -15.73
C TYR A 94 -24.80 11.13 -16.45
N GLN A 95 -26.10 10.88 -16.65
CA GLN A 95 -26.96 11.87 -17.31
C GLN A 95 -27.07 13.15 -16.49
N LYS A 96 -27.19 13.02 -15.17
CA LYS A 96 -27.26 14.15 -14.28
C LYS A 96 -25.93 14.93 -14.33
N ALA A 97 -24.82 14.19 -14.34
CA ALA A 97 -23.49 14.76 -14.46
C ALA A 97 -23.37 15.63 -15.73
N LEU A 98 -23.91 15.13 -16.85
CA LEU A 98 -23.84 15.81 -18.14
C LEU A 98 -24.82 17.01 -18.22
N GLU A 99 -26.00 16.91 -17.59
CA GLU A 99 -26.93 18.01 -17.46
C GLU A 99 -26.24 19.20 -16.81
N LEU A 100 -25.37 18.94 -15.82
CA LEU A 100 -24.59 19.98 -15.16
C LEU A 100 -23.27 20.34 -15.88
N ASP A 101 -22.63 19.35 -16.52
CA ASP A 101 -21.36 19.56 -17.19
C ASP A 101 -21.31 18.83 -18.53
N PRO A 102 -21.91 19.42 -19.59
CA PRO A 102 -21.90 18.78 -20.92
C PRO A 102 -20.53 18.44 -21.49
N ASN A 103 -19.46 19.08 -21.00
CA ASN A 103 -18.10 18.86 -21.48
C ASN A 103 -17.35 17.71 -20.84
N ASN A 104 -17.97 16.99 -19.89
CA ASN A 104 -17.30 15.87 -19.24
C ASN A 104 -17.24 14.67 -20.21
N ALA A 105 -16.22 14.64 -21.08
CA ALA A 105 -15.93 13.54 -22.01
C ALA A 105 -16.05 12.11 -21.42
N GLU A 106 -15.51 12.00 -20.20
CA GLU A 106 -15.42 10.76 -19.48
C GLU A 106 -16.80 10.19 -19.13
N ALA A 107 -17.68 11.07 -18.68
CA ALA A 107 -19.05 10.72 -18.33
C ALA A 107 -19.81 10.31 -19.57
N LYS A 108 -19.52 10.99 -20.69
CA LYS A 108 -20.12 10.66 -21.98
C LYS A 108 -19.68 9.27 -22.45
N GLN A 109 -18.37 8.96 -22.37
CA GLN A 109 -17.88 7.63 -22.71
C GLN A 109 -18.54 6.54 -21.83
N ASN A 110 -18.56 6.76 -20.52
CA ASN A 110 -19.09 5.80 -19.58
C ASN A 110 -20.61 5.60 -19.69
N LEU A 111 -21.33 6.69 -19.96
CA LEU A 111 -22.76 6.64 -20.28
C LEU A 111 -22.99 5.63 -21.41
N GLY A 112 -22.22 5.80 -22.50
CA GLY A 112 -22.26 4.92 -23.66
C GLY A 112 -21.95 3.47 -23.33
N ASN A 113 -20.93 3.23 -22.50
CA ASN A 113 -20.61 1.89 -22.04
C ASN A 113 -21.80 1.28 -21.31
N ALA A 114 -22.32 2.01 -20.32
CA ALA A 114 -23.46 1.56 -19.50
C ALA A 114 -24.72 1.26 -20.33
N LYS A 115 -25.01 2.13 -21.31
CA LYS A 115 -26.18 1.95 -22.19
C LYS A 115 -26.05 0.69 -22.99
N GLN A 116 -24.82 0.37 -23.40
CA GLN A 116 -24.52 -0.81 -24.19
C GLN A 116 -24.63 -2.09 -23.38
N LYS A 117 -24.20 -2.04 -22.11
CA LYS A 117 -24.44 -3.13 -21.15
C LYS A 117 -25.96 -3.25 -20.99
N GLN A 118 -26.50 -3.30 -19.78
CA GLN A 118 -27.94 -3.27 -19.64
C GLN A 118 -28.71 -4.30 -20.51
N GLY A 119 -28.01 -5.01 -21.42
CA GLY A 119 -28.66 -5.73 -22.52
C GLY A 119 -27.83 -6.94 -22.87
N GLU B 1 2.59 25.57 17.44
CA GLU B 1 2.35 24.08 17.36
C GLU B 1 1.43 23.74 16.17
N GLU B 2 0.23 24.31 16.12
CA GLU B 2 -0.59 24.29 14.91
C GLU B 2 0.15 24.96 13.72
N ALA B 3 0.85 26.06 14.03
CA ALA B 3 1.60 26.78 12.98
C ALA B 3 2.71 25.90 12.45
N GLU B 4 3.36 25.16 13.34
CA GLU B 4 4.41 24.22 12.96
C GLU B 4 3.88 23.07 12.12
N LEU B 5 2.71 22.55 12.48
CA LEU B 5 2.05 21.50 11.70
C LEU B 5 1.75 22.00 10.30
N ALA B 6 1.15 23.20 10.21
CA ALA B 6 0.85 23.82 8.93
C ALA B 6 2.11 23.95 8.09
N TYR B 7 3.19 24.36 8.74
CA TYR B 7 4.47 24.55 8.06
C TYR B 7 5.03 23.23 7.54
N LEU B 8 4.97 22.21 8.37
CA LEU B 8 5.48 20.90 8.00
C LEU B 8 4.68 20.33 6.82
N LEU B 9 3.37 20.61 6.80
CA LEU B 9 2.49 20.09 5.75
C LEU B 9 2.86 20.77 4.46
N GLY B 10 3.13 22.08 4.53
CA GLY B 10 3.55 22.85 3.38
C GLY B 10 4.89 22.40 2.81
N GLU B 11 5.87 22.15 3.68
CA GLU B 11 7.13 21.57 3.27
C GLU B 11 6.94 20.22 2.60
N LEU B 12 6.19 19.32 3.25
CA LEU B 12 5.92 18.00 2.68
C LEU B 12 5.29 18.13 1.28
N ALA B 13 4.26 18.96 1.17
CA ALA B 13 3.58 19.16 -0.10
C ALA B 13 4.52 19.71 -1.16
N TYR B 14 5.33 20.69 -0.77
CA TYR B 14 6.36 21.31 -1.63
C TYR B 14 7.35 20.30 -2.16
N LYS B 15 7.93 19.52 -1.26
CA LYS B 15 8.89 18.45 -1.59
C LYS B 15 8.32 17.43 -2.54
N LEU B 16 7.00 17.25 -2.56
CA LEU B 16 6.37 16.29 -3.45
C LEU B 16 5.77 16.92 -4.70
N GLY B 17 5.99 18.23 -4.87
CA GLY B 17 5.54 18.91 -6.07
C GLY B 17 4.07 19.30 -6.11
N GLU B 18 3.43 19.32 -4.94
CA GLU B 18 2.05 19.74 -4.78
C GLU B 18 1.97 21.17 -4.30
N TYR B 19 2.24 22.08 -5.22
CA TYR B 19 2.49 23.48 -4.90
C TYR B 19 1.26 24.26 -4.41
N ARG B 20 0.10 23.93 -4.98
CA ARG B 20 -1.18 24.54 -4.56
C ARG B 20 -1.45 24.21 -3.09
N ILE B 21 -1.26 22.93 -2.71
CA ILE B 21 -1.44 22.50 -1.35
C ILE B 21 -0.41 23.16 -0.45
N ALA B 22 0.85 23.23 -0.90
CA ALA B 22 1.91 23.91 -0.15
C ALA B 22 1.52 25.34 0.17
N ILE B 23 1.02 26.06 -0.83
CA ILE B 23 0.65 27.45 -0.66
C ILE B 23 -0.45 27.59 0.37
N ARG B 24 -1.49 26.76 0.26
CA ARG B 24 -2.61 26.84 1.20
C ARG B 24 -2.13 26.56 2.64
N ALA B 25 -1.26 25.56 2.81
CA ALA B 25 -0.72 25.22 4.12
C ALA B 25 0.19 26.31 4.71
N TYR B 26 1.08 26.88 3.89
CA TYR B 26 1.96 27.95 4.34
C TYR B 26 1.17 29.21 4.72
N ARG B 27 0.09 29.48 3.99
CA ARG B 27 -0.80 30.60 4.34
C ARG B 27 -1.46 30.41 5.72
N ILE B 28 -1.78 29.16 6.09
CA ILE B 28 -2.31 28.89 7.41
C ILE B 28 -1.24 29.12 8.47
N ALA B 29 -0.01 28.67 8.19
CA ALA B 29 1.12 28.86 9.07
C ALA B 29 1.33 30.34 9.32
N LEU B 30 1.32 31.13 8.24
CA LEU B 30 1.56 32.58 8.30
C LEU B 30 0.43 33.37 8.94
N LYS B 31 -0.80 32.87 8.80
CA LYS B 31 -1.92 33.44 9.49
C LYS B 31 -1.71 33.33 10.99
N ARG B 32 -1.18 32.20 11.43
CA ARG B 32 -0.93 31.96 12.85
C ARG B 32 0.37 32.61 13.34
N ASP B 33 1.39 32.67 12.48
CA ASP B 33 2.70 33.18 12.82
C ASP B 33 3.23 34.07 11.71
N PRO B 34 2.76 35.34 11.62
CA PRO B 34 3.10 36.20 10.48
C PRO B 34 4.56 36.66 10.44
N ASN B 35 5.29 36.48 11.53
CA ASN B 35 6.70 36.81 11.60
C ASN B 35 7.68 35.66 11.29
N ASN B 36 7.16 34.55 10.78
CA ASN B 36 7.99 33.46 10.38
C ASN B 36 8.62 33.68 9.00
N ALA B 37 9.86 34.19 9.00
CA ALA B 37 10.62 34.49 7.78
C ALA B 37 10.77 33.28 6.85
N GLU B 38 10.95 32.09 7.42
CA GLU B 38 11.15 30.88 6.64
C GLU B 38 9.85 30.44 5.94
N ALA B 39 8.70 30.64 6.59
CA ALA B 39 7.41 30.43 5.93
C ALA B 39 7.18 31.39 4.73
N TRP B 40 7.51 32.68 4.89
CA TRP B 40 7.41 33.63 3.76
C TRP B 40 8.30 33.22 2.62
N TYR B 41 9.53 32.80 2.97
CA TYR B 41 10.51 32.35 2.01
C TYR B 41 9.99 31.15 1.24
N ASN B 42 9.45 30.17 1.98
CA ASN B 42 8.97 28.95 1.33
C ASN B 42 7.70 29.15 0.52
N LEU B 43 6.85 30.07 0.96
CA LEU B 43 5.69 30.46 0.18
C LEU B 43 6.21 31.01 -1.14
N GLY B 44 7.25 31.84 -1.06
CA GLY B 44 7.91 32.38 -2.22
C GLY B 44 8.39 31.30 -3.17
N ASN B 45 9.09 30.30 -2.65
CA ASN B 45 9.54 29.17 -3.47
C ASN B 45 8.40 28.43 -4.15
N ALA B 46 7.29 28.22 -3.44
CA ALA B 46 6.13 27.51 -4.00
C ALA B 46 5.57 28.23 -5.23
N TYR B 47 5.44 29.56 -5.12
CA TYR B 47 5.04 30.41 -6.25
C TYR B 47 6.08 30.41 -7.39
N TYR B 48 7.36 30.47 -7.02
CA TYR B 48 8.47 30.37 -7.98
C TYR B 48 8.37 29.09 -8.80
N LYS B 49 8.13 27.96 -8.12
CA LYS B 49 8.02 26.66 -8.76
C LYS B 49 6.87 26.62 -9.75
N GLN B 50 5.82 27.41 -9.51
CA GLN B 50 4.68 27.52 -10.42
C GLN B 50 4.83 28.54 -11.53
N GLY B 51 5.97 29.23 -11.60
CA GLY B 51 6.18 30.23 -12.63
C GLY B 51 5.62 31.60 -12.31
N ASP B 52 5.08 31.79 -11.10
CA ASP B 52 4.51 33.07 -10.65
C ASP B 52 5.56 33.93 -9.98
N TYR B 53 6.44 34.52 -10.80
CA TYR B 53 7.63 35.19 -10.31
C TYR B 53 7.38 36.49 -9.55
N ASP B 54 6.33 37.23 -9.96
CA ASP B 54 5.96 38.45 -9.28
C ASP B 54 5.52 38.17 -7.84
N GLU B 55 4.81 37.08 -7.65
CA GLU B 55 4.37 36.70 -6.31
C GLU B 55 5.56 36.22 -5.48
N ALA B 56 6.39 35.37 -6.11
CA ALA B 56 7.63 34.91 -5.50
C ALA B 56 8.45 36.11 -4.99
N ILE B 57 8.64 37.11 -5.85
CA ILE B 57 9.38 38.31 -5.51
C ILE B 57 8.79 38.98 -4.27
N GLU B 58 7.47 39.20 -4.28
CA GLU B 58 6.79 39.81 -3.15
C GLU B 58 7.10 39.10 -1.82
N TYR B 59 7.04 37.77 -1.83
CA TYR B 59 7.23 36.97 -0.61
C TYR B 59 8.68 36.80 -0.18
N TYR B 60 9.59 36.74 -1.15
CA TYR B 60 11.02 36.83 -0.87
C TYR B 60 11.34 38.14 -0.19
N GLN B 61 10.73 39.22 -0.67
CA GLN B 61 10.99 40.55 -0.12
C GLN B 61 10.53 40.60 1.32
N LYS B 62 9.36 40.05 1.58
CA LYS B 62 8.80 40.00 2.92
C LYS B 62 9.70 39.17 3.87
N ALA B 63 10.18 38.04 3.38
CA ALA B 63 11.07 37.15 4.11
C ALA B 63 12.37 37.89 4.50
N LEU B 64 12.93 38.63 3.55
CA LEU B 64 14.12 39.44 3.76
C LEU B 64 13.95 40.67 4.67
N GLU B 65 12.75 41.23 4.75
CA GLU B 65 12.48 42.30 5.73
C GLU B 65 12.64 41.71 7.12
N LEU B 66 12.11 40.50 7.29
CA LEU B 66 12.16 39.77 8.54
C LEU B 66 13.54 39.18 8.86
N ASP B 67 14.24 38.67 7.83
CA ASP B 67 15.60 38.17 7.97
C ASP B 67 16.55 38.69 6.90
N PRO B 68 17.06 39.94 7.02
CA PRO B 68 17.90 40.49 5.96
C PRO B 68 19.26 39.84 5.84
N ASN B 69 19.68 39.08 6.86
CA ASN B 69 21.03 38.50 6.81
C ASN B 69 21.05 37.10 6.17
N ASN B 70 20.01 36.79 5.40
CA ASN B 70 19.75 35.44 4.89
C ASN B 70 20.12 35.34 3.42
N ALA B 71 21.35 34.87 3.18
CA ALA B 71 21.96 34.89 1.86
C ALA B 71 21.18 34.09 0.81
N GLU B 72 20.58 32.98 1.22
CA GLU B 72 19.84 32.12 0.30
C GLU B 72 18.58 32.83 -0.24
N ALA B 73 17.99 33.70 0.60
CA ALA B 73 16.82 34.45 0.19
C ALA B 73 17.21 35.50 -0.87
N TRP B 74 18.33 36.20 -0.62
CA TRP B 74 18.87 37.14 -1.58
C TRP B 74 19.12 36.48 -2.94
N TYR B 75 19.67 35.26 -2.87
CA TYR B 75 19.96 34.42 -4.04
C TYR B 75 18.69 34.06 -4.83
N ASN B 76 17.63 33.63 -4.15
CA ASN B 76 16.38 33.27 -4.83
C ASN B 76 15.62 34.47 -5.37
N LEU B 77 15.77 35.60 -4.67
CA LEU B 77 15.26 36.86 -5.16
C LEU B 77 15.93 37.17 -6.52
N GLY B 78 17.26 37.01 -6.56
CA GLY B 78 18.03 37.13 -7.79
C GLY B 78 17.50 36.25 -8.91
N ASN B 79 17.25 34.97 -8.62
CA ASN B 79 16.78 34.02 -9.61
C ASN B 79 15.44 34.45 -10.18
N ALA B 80 14.55 34.93 -9.30
CA ALA B 80 13.20 35.33 -9.72
C ALA B 80 13.26 36.53 -10.66
N TYR B 81 14.16 37.48 -10.37
CA TYR B 81 14.39 38.59 -11.28
C TYR B 81 15.00 38.13 -12.59
N TYR B 82 15.94 37.19 -12.50
CA TYR B 82 16.61 36.63 -13.67
C TYR B 82 15.60 35.99 -14.62
N LYS B 83 14.69 35.18 -14.07
CA LYS B 83 13.64 34.51 -14.85
C LYS B 83 12.67 35.47 -15.55
N GLN B 84 12.62 36.74 -15.11
CA GLN B 84 11.83 37.76 -15.79
C GLN B 84 12.67 38.68 -16.64
N GLY B 85 13.96 38.36 -16.81
CA GLY B 85 14.87 39.20 -17.56
C GLY B 85 15.16 40.57 -16.97
N ASP B 86 14.99 40.72 -15.65
CA ASP B 86 15.36 41.93 -14.92
C ASP B 86 16.80 41.74 -14.42
N TYR B 87 17.75 41.82 -15.35
CA TYR B 87 19.12 41.44 -15.11
C TYR B 87 19.85 42.37 -14.17
N ASP B 88 19.53 43.67 -14.24
CA ASP B 88 20.04 44.67 -13.30
C ASP B 88 19.74 44.24 -11.88
N GLU B 89 18.45 44.01 -11.59
CA GLU B 89 18.00 43.64 -10.25
C GLU B 89 18.60 42.29 -9.82
N ALA B 90 18.67 41.33 -10.77
CA ALA B 90 19.25 40.03 -10.47
C ALA B 90 20.71 40.19 -10.04
N ILE B 91 21.45 41.05 -10.73
CA ILE B 91 22.86 41.30 -10.40
C ILE B 91 23.03 41.91 -9.01
N GLU B 92 22.19 42.90 -8.67
CA GLU B 92 22.20 43.52 -7.35
C GLU B 92 22.04 42.46 -6.24
N TYR B 93 21.10 41.53 -6.43
CA TYR B 93 20.73 40.61 -5.37
C TYR B 93 21.66 39.41 -5.26
N TYR B 94 22.17 38.94 -6.41
CA TYR B 94 23.23 37.95 -6.41
C TYR B 94 24.45 38.49 -5.67
N GLN B 95 24.77 39.76 -5.94
CA GLN B 95 25.91 40.40 -5.28
C GLN B 95 25.70 40.51 -3.78
N LYS B 96 24.47 40.83 -3.36
CA LYS B 96 24.14 40.94 -1.95
C LYS B 96 24.26 39.55 -1.30
N ALA B 97 23.77 38.52 -2.02
CA ALA B 97 23.86 37.14 -1.58
C ALA B 97 25.35 36.75 -1.29
N LEU B 98 26.24 37.17 -2.20
CA LEU B 98 27.67 36.83 -2.12
C LEU B 98 28.42 37.66 -1.05
N GLU B 99 28.03 38.93 -0.86
CA GLU B 99 28.54 39.78 0.21
C GLU B 99 28.30 39.11 1.55
N LEU B 100 27.15 38.45 1.70
CA LEU B 100 26.81 37.69 2.91
C LEU B 100 27.38 36.26 2.93
N ASP B 101 27.45 35.61 1.77
CA ASP B 101 27.93 34.24 1.68
C ASP B 101 28.84 34.03 0.48
N PRO B 102 30.13 34.42 0.57
CA PRO B 102 31.08 34.26 -0.53
C PRO B 102 31.22 32.88 -1.15
N ASN B 103 30.82 31.81 -0.44
CA ASN B 103 30.68 30.45 -1.07
C ASN B 103 29.35 30.28 -1.91
N ASN B 104 28.80 29.07 -2.00
CA ASN B 104 27.50 28.91 -2.71
C ASN B 104 27.51 29.33 -4.21
N ALA B 105 28.61 28.98 -4.84
CA ALA B 105 28.77 28.61 -6.26
C ALA B 105 27.66 28.96 -7.21
N GLU B 106 26.43 28.63 -6.83
CA GLU B 106 25.25 28.83 -7.68
C GLU B 106 24.97 30.30 -7.95
N ALA B 107 25.08 31.11 -6.88
CA ALA B 107 24.88 32.55 -7.01
C ALA B 107 25.98 33.17 -7.85
N LYS B 108 27.20 32.63 -7.69
CA LYS B 108 28.34 33.06 -8.47
C LYS B 108 28.16 32.74 -9.97
N GLN B 109 27.73 31.52 -10.29
CA GLN B 109 27.43 31.14 -11.67
C GLN B 109 26.35 32.05 -12.29
N ASN B 110 25.25 32.24 -11.55
CA ASN B 110 24.13 33.03 -12.03
C ASN B 110 24.45 34.51 -12.18
N LEU B 111 25.24 35.03 -11.24
CA LEU B 111 25.77 36.40 -11.34
C LEU B 111 26.46 36.59 -12.70
N GLY B 112 27.35 35.65 -13.03
CA GLY B 112 28.06 35.63 -14.30
C GLY B 112 27.15 35.57 -15.51
N ASN B 113 26.13 34.71 -15.46
CA ASN B 113 25.12 34.64 -16.52
C ASN B 113 24.45 36.00 -16.71
N ALA B 114 23.93 36.55 -15.60
CA ALA B 114 23.22 37.83 -15.61
C ALA B 114 24.08 38.99 -16.15
N LYS B 115 25.35 39.03 -15.73
CA LYS B 115 26.29 40.08 -16.16
C LYS B 115 26.52 40.02 -17.66
N GLN B 116 26.53 38.78 -18.20
CA GLN B 116 26.71 38.56 -19.62
C GLN B 116 25.48 39.01 -20.44
N LYS B 117 24.31 39.03 -19.77
CA LYS B 117 23.12 39.75 -20.21
C LYS B 117 22.99 41.05 -19.42
N GLU C 1 -6.84 15.26 18.82
CA GLU C 1 -7.27 15.70 17.44
C GLU C 1 -6.06 16.29 16.69
N GLU C 2 -5.45 17.34 17.25
CA GLU C 2 -4.15 17.82 16.80
C GLU C 2 -3.08 16.73 16.88
N ALA C 3 -3.14 15.91 17.94
CA ALA C 3 -2.17 14.83 18.10
C ALA C 3 -2.30 13.85 16.95
N GLU C 4 -3.56 13.53 16.60
CA GLU C 4 -3.83 12.61 15.51
C GLU C 4 -3.38 13.16 14.16
N LEU C 5 -3.62 14.46 13.93
CA LEU C 5 -3.15 15.13 12.72
C LEU C 5 -1.63 15.07 12.61
N ALA C 6 -0.93 15.42 13.71
CA ALA C 6 0.51 15.37 13.76
C ALA C 6 1.00 13.96 13.44
N TYR C 7 0.30 12.96 13.98
CA TYR C 7 0.68 11.57 13.76
C TYR C 7 0.52 11.15 12.32
N LEU C 8 -0.62 11.54 11.73
CA LEU C 8 -0.91 11.20 10.35
C LEU C 8 0.13 11.84 9.44
N LEU C 9 0.56 13.05 9.77
CA LEU C 9 1.52 13.79 8.95
C LEU C 9 2.84 13.11 9.01
N GLY C 10 3.21 12.62 10.19
CA GLY C 10 4.45 11.88 10.41
C GLY C 10 4.48 10.57 9.66
N GLU C 11 3.38 9.82 9.72
CA GLU C 11 3.24 8.58 8.94
C GLU C 11 3.38 8.85 7.47
N LEU C 12 2.62 9.84 6.96
CA LEU C 12 2.67 10.16 5.55
C LEU C 12 4.11 10.51 5.12
N ALA C 13 4.75 11.40 5.89
CA ALA C 13 6.10 11.83 5.60
C ALA C 13 7.07 10.63 5.61
N TYR C 14 6.93 9.78 6.63
CA TYR C 14 7.74 8.57 6.77
C TYR C 14 7.64 7.64 5.57
N LYS C 15 6.41 7.29 5.22
CA LYS C 15 6.11 6.47 4.05
C LYS C 15 6.70 7.01 2.74
N LEU C 16 6.88 8.31 2.64
CA LEU C 16 7.43 8.92 1.43
C LEU C 16 8.92 9.24 1.54
N GLY C 17 9.55 8.84 2.64
CA GLY C 17 10.98 9.02 2.80
C GLY C 17 11.43 10.39 3.22
N GLU C 18 10.51 11.19 3.76
CA GLU C 18 10.78 12.54 4.23
C GLU C 18 10.95 12.53 5.74
N TYR C 19 12.09 12.00 6.17
CA TYR C 19 12.31 11.58 7.56
C TYR C 19 12.43 12.74 8.53
N ARG C 20 13.01 13.85 8.07
CA ARG C 20 13.12 15.06 8.91
C ARG C 20 11.74 15.59 9.25
N ILE C 21 10.86 15.66 8.24
CA ILE C 21 9.48 16.07 8.45
C ILE C 21 8.76 15.09 9.38
N ALA C 22 8.96 13.78 9.14
CA ALA C 22 8.37 12.76 10.02
C ALA C 22 8.75 12.97 11.47
N ILE C 23 10.05 13.22 11.72
CA ILE C 23 10.56 13.39 13.06
C ILE C 23 9.88 14.57 13.73
N ARG C 24 9.82 15.70 13.02
CA ARG C 24 9.28 16.91 13.61
C ARG C 24 7.80 16.72 13.92
N ALA C 25 7.06 16.06 13.02
CA ALA C 25 5.64 15.78 13.21
C ALA C 25 5.36 14.82 14.37
N TYR C 26 6.12 13.73 14.45
CA TYR C 26 5.98 12.76 15.54
C TYR C 26 6.31 13.37 16.90
N ARG C 27 7.29 14.29 16.94
CA ARG C 27 7.59 15.03 18.15
C ARG C 27 6.37 15.84 18.67
N ILE C 28 5.64 16.45 17.73
CA ILE C 28 4.45 17.20 18.07
C ILE C 28 3.36 16.26 18.58
N ALA C 29 3.20 15.11 17.92
CA ALA C 29 2.24 14.11 18.31
C ALA C 29 2.50 13.65 19.72
N LEU C 30 3.78 13.37 20.03
CA LEU C 30 4.17 12.87 21.35
C LEU C 30 4.09 13.90 22.45
N LYS C 31 4.32 15.17 22.09
CA LYS C 31 4.13 16.25 23.02
C LYS C 31 2.67 16.24 23.49
N ARG C 32 1.76 16.03 22.54
CA ARG C 32 0.33 16.03 22.83
C ARG C 32 -0.18 14.73 23.43
N ASP C 33 0.41 13.59 23.04
CA ASP C 33 0.00 12.27 23.48
C ASP C 33 1.23 11.43 23.81
N PRO C 34 1.83 11.64 25.00
CA PRO C 34 3.07 10.98 25.37
C PRO C 34 2.95 9.49 25.64
N ASN C 35 1.74 8.95 25.76
CA ASN C 35 1.52 7.53 25.96
C ASN C 35 1.27 6.71 24.70
N ASN C 36 1.42 7.35 23.53
CA ASN C 36 1.31 6.66 22.30
C ASN C 36 2.57 5.83 21.94
N ALA C 37 2.57 4.53 22.30
CA ALA C 37 3.71 3.62 22.05
C ALA C 37 4.14 3.55 20.57
N GLU C 38 3.16 3.58 19.66
CA GLU C 38 3.42 3.48 18.24
C GLU C 38 4.10 4.76 17.73
N ALA C 39 3.74 5.93 18.27
CA ALA C 39 4.42 7.18 17.94
C ALA C 39 5.89 7.17 18.38
N TRP C 40 6.19 6.67 19.60
CA TRP C 40 7.58 6.55 20.06
C TRP C 40 8.36 5.63 19.13
N TYR C 41 7.72 4.51 18.77
CA TYR C 41 8.31 3.54 17.89
C TYR C 41 8.63 4.13 16.53
N ASN C 42 7.67 4.84 15.97
CA ASN C 42 7.87 5.43 14.64
C ASN C 42 8.84 6.58 14.62
N LEU C 43 8.88 7.36 15.71
CA LEU C 43 9.89 8.39 15.85
C LEU C 43 11.25 7.69 15.80
N GLY C 44 11.36 6.57 16.52
CA GLY C 44 12.55 5.76 16.51
C GLY C 44 12.97 5.36 15.11
N ASN C 45 12.02 4.80 14.34
CA ASN C 45 12.31 4.44 12.96
C ASN C 45 12.77 5.60 12.10
N ALA C 46 12.15 6.78 12.27
CA ALA C 46 12.50 7.96 11.47
C ALA C 46 13.95 8.37 11.71
N TYR C 47 14.37 8.38 12.98
CA TYR C 47 15.76 8.65 13.35
C TYR C 47 16.73 7.55 12.85
N TYR C 48 16.30 6.28 12.96
CA TYR C 48 17.05 5.17 12.41
C TYR C 48 17.33 5.36 10.91
N LYS C 49 16.29 5.72 10.16
CA LYS C 49 16.41 5.92 8.72
C LYS C 49 17.35 7.05 8.37
N GLN C 50 17.52 8.02 9.27
CA GLN C 50 18.47 9.12 9.09
C GLN C 50 19.89 8.85 9.59
N GLY C 51 20.14 7.65 10.13
CA GLY C 51 21.45 7.34 10.64
C GLY C 51 21.73 7.82 12.07
N ASP C 52 20.71 8.34 12.74
CA ASP C 52 20.81 8.85 14.13
C ASP C 52 20.49 7.75 15.13
N TYR C 53 21.43 6.84 15.32
CA TYR C 53 21.16 5.60 16.03
C TYR C 53 20.96 5.74 17.54
N ASP C 54 21.67 6.70 18.15
CA ASP C 54 21.52 6.96 19.56
C ASP C 54 20.12 7.48 19.88
N GLU C 55 19.58 8.30 18.97
CA GLU C 55 18.23 8.81 19.15
C GLU C 55 17.20 7.67 18.93
N ALA C 56 17.41 6.89 17.86
CA ALA C 56 16.60 5.73 17.58
C ALA C 56 16.54 4.82 18.83
N ILE C 57 17.71 4.52 19.42
CA ILE C 57 17.76 3.69 20.61
C ILE C 57 16.88 4.27 21.73
N GLU C 58 17.06 5.56 22.04
CA GLU C 58 16.31 6.21 23.09
C GLU C 58 14.78 6.01 22.90
N TYR C 59 14.31 6.21 21.66
CA TYR C 59 12.87 6.16 21.37
C TYR C 59 12.29 4.76 21.27
N TYR C 60 13.11 3.82 20.76
CA TYR C 60 12.76 2.41 20.82
C TYR C 60 12.61 1.97 22.25
N GLN C 61 13.52 2.42 23.12
CA GLN C 61 13.50 2.01 24.51
C GLN C 61 12.21 2.45 25.15
N LYS C 62 11.85 3.71 24.89
CA LYS C 62 10.64 4.28 25.43
C LYS C 62 9.40 3.52 24.97
N ALA C 63 9.38 3.22 23.65
CA ALA C 63 8.29 2.48 23.00
C ALA C 63 8.08 1.12 23.64
N LEU C 64 9.19 0.41 23.90
CA LEU C 64 9.14 -0.91 24.49
C LEU C 64 8.75 -0.96 25.97
N GLU C 65 9.03 0.11 26.72
CA GLU C 65 8.55 0.19 28.10
C GLU C 65 7.04 0.22 28.06
N LEU C 66 6.49 1.01 27.12
CA LEU C 66 5.07 1.16 26.93
C LEU C 66 4.39 -0.05 26.28
N ASP C 67 5.06 -0.68 25.30
CA ASP C 67 4.54 -1.87 24.64
C ASP C 67 5.64 -2.93 24.48
N PRO C 68 5.90 -3.74 25.53
CA PRO C 68 6.95 -4.75 25.45
C PRO C 68 6.66 -5.89 24.48
N ASN C 69 5.42 -6.03 24.04
CA ASN C 69 5.03 -7.17 23.21
C ASN C 69 5.18 -6.87 21.73
N ASN C 70 5.97 -5.84 21.36
CA ASN C 70 6.20 -5.49 19.97
C ASN C 70 7.55 -6.08 19.49
N ALA C 71 7.48 -7.25 18.85
CA ALA C 71 8.64 -8.00 18.42
C ALA C 71 9.54 -7.26 17.45
N GLU C 72 8.91 -6.50 16.55
CA GLU C 72 9.63 -5.76 15.54
C GLU C 72 10.44 -4.62 16.16
N ALA C 73 9.94 -4.07 17.28
CA ALA C 73 10.63 -3.00 17.99
C ALA C 73 11.90 -3.56 18.63
N TRP C 74 11.80 -4.72 19.28
CA TRP C 74 12.97 -5.41 19.85
C TRP C 74 14.04 -5.63 18.78
N TYR C 75 13.59 -6.05 17.59
CA TYR C 75 14.43 -6.29 16.44
C TYR C 75 15.17 -5.02 15.96
N ASN C 76 14.44 -3.90 15.85
CA ASN C 76 15.04 -2.65 15.41
C ASN C 76 15.95 -2.03 16.45
N LEU C 77 15.62 -2.26 17.72
CA LEU C 77 16.48 -1.89 18.82
C LEU C 77 17.83 -2.61 18.64
N GLY C 78 17.77 -3.92 18.36
CA GLY C 78 18.93 -4.72 18.03
C GLY C 78 19.77 -4.13 16.92
N ASN C 79 19.12 -3.77 15.82
CA ASN C 79 19.80 -3.22 14.65
C ASN C 79 20.52 -1.94 15.00
N ALA C 80 19.86 -1.07 15.79
CA ALA C 80 20.41 0.23 16.14
C ALA C 80 21.64 0.06 17.01
N TYR C 81 21.62 -0.92 17.94
CA TYR C 81 22.81 -1.23 18.72
C TYR C 81 23.90 -1.81 17.85
N TYR C 82 23.53 -2.65 16.90
CA TYR C 82 24.47 -3.29 16.00
C TYR C 82 25.22 -2.24 15.18
N LYS C 83 24.46 -1.27 14.63
CA LYS C 83 25.03 -0.19 13.83
C LYS C 83 25.99 0.73 14.60
N GLN C 84 25.94 0.69 15.94
CA GLN C 84 26.89 1.41 16.78
C GLN C 84 27.95 0.50 17.37
N GLY C 85 28.00 -0.75 16.94
CA GLY C 85 28.95 -1.69 17.50
C GLY C 85 28.76 -2.10 18.95
N ASP C 86 27.55 -1.97 19.47
CA ASP C 86 27.18 -2.46 20.80
C ASP C 86 26.62 -3.87 20.66
N TYR C 87 27.50 -4.82 20.38
CA TYR C 87 27.13 -6.18 19.97
C TYR C 87 26.48 -6.99 21.05
N ASP C 88 26.93 -6.81 22.29
CA ASP C 88 26.28 -7.43 23.44
C ASP C 88 24.82 -7.06 23.51
N GLU C 89 24.54 -5.76 23.49
CA GLU C 89 23.16 -5.27 23.56
C GLU C 89 22.33 -5.72 22.35
N ALA C 90 22.95 -5.70 21.16
CA ALA C 90 22.28 -6.16 19.96
C ALA C 90 21.85 -7.62 20.12
N ILE C 91 22.74 -8.44 20.67
CA ILE C 91 22.47 -9.87 20.88
C ILE C 91 21.30 -10.09 21.85
N GLU C 92 21.28 -9.35 22.95
CA GLU C 92 20.21 -9.46 23.92
C GLU C 92 18.83 -9.15 23.27
N TYR C 93 18.78 -8.13 22.41
CA TYR C 93 17.51 -7.66 21.87
C TYR C 93 17.04 -8.45 20.67
N TYR C 94 17.98 -8.92 19.84
CA TYR C 94 17.66 -9.89 18.80
C TYR C 94 17.04 -11.15 19.43
N GLN C 95 17.63 -11.59 20.54
CA GLN C 95 17.13 -12.76 21.24
C GLN C 95 15.72 -12.56 21.79
N LYS C 96 15.47 -11.36 22.33
CA LYS C 96 14.17 -11.02 22.87
C LYS C 96 13.16 -10.97 21.70
N ALA C 97 13.58 -10.39 20.57
CA ALA C 97 12.78 -10.33 19.37
C ALA C 97 12.33 -11.73 18.92
N LEU C 98 13.25 -12.70 18.97
CA LEU C 98 12.98 -14.07 18.54
C LEU C 98 12.11 -14.86 19.53
N GLU C 99 12.30 -14.61 20.82
CA GLU C 99 11.45 -15.17 21.89
C GLU C 99 9.99 -14.82 21.60
N LEU C 100 9.75 -13.58 21.14
CA LEU C 100 8.42 -13.11 20.76
C LEU C 100 7.98 -13.43 19.33
N ASP C 101 8.94 -13.48 18.40
CA ASP C 101 8.64 -13.77 17.00
C ASP C 101 9.67 -14.72 16.40
N PRO C 102 9.54 -16.04 16.66
CA PRO C 102 10.50 -17.02 16.12
C PRO C 102 10.67 -17.03 14.59
N ASN C 103 9.71 -16.46 13.84
CA ASN C 103 9.77 -16.40 12.39
C ASN C 103 10.55 -15.23 11.80
N ASN C 104 11.09 -14.36 12.64
CA ASN C 104 11.85 -13.25 12.14
C ASN C 104 13.26 -13.74 11.71
N ALA C 105 13.35 -14.26 10.48
CA ALA C 105 14.60 -14.71 9.91
C ALA C 105 15.70 -13.63 9.89
N GLU C 106 15.28 -12.37 9.74
CA GLU C 106 16.20 -11.24 9.69
C GLU C 106 16.95 -11.04 11.02
N ALA C 107 16.21 -11.18 12.11
CA ALA C 107 16.75 -11.06 13.45
C ALA C 107 17.70 -12.23 13.72
N LYS C 108 17.35 -13.41 13.19
CA LYS C 108 18.20 -14.58 13.29
C LYS C 108 19.51 -14.40 12.54
N GLN C 109 19.45 -13.91 11.29
CA GLN C 109 20.66 -13.58 10.55
C GLN C 109 21.56 -12.56 11.28
N ASN C 110 20.95 -11.47 11.76
CA ASN C 110 21.67 -10.41 12.41
C ASN C 110 22.27 -10.83 13.78
N LEU C 111 21.52 -11.66 14.51
CA LEU C 111 22.01 -12.28 15.72
C LEU C 111 23.37 -13.02 15.45
N GLY C 112 23.37 -13.82 14.40
CA GLY C 112 24.53 -14.53 13.93
C GLY C 112 25.68 -13.63 13.53
N ASN C 113 25.39 -12.53 12.82
CA ASN C 113 26.39 -11.51 12.49
C ASN C 113 27.02 -10.97 13.77
N ALA C 114 26.18 -10.52 14.69
CA ALA C 114 26.62 -9.94 15.97
C ALA C 114 27.49 -10.91 16.79
N LYS C 115 27.08 -12.19 16.85
CA LYS C 115 27.81 -13.22 17.58
C LYS C 115 29.20 -13.41 16.98
N GLN C 116 29.30 -13.29 15.66
CA GLN C 116 30.56 -13.41 14.95
C GLN C 116 31.50 -12.22 15.16
N LYS C 117 30.93 -11.01 15.22
CA LYS C 117 31.66 -9.78 15.41
C LYS C 117 32.38 -9.78 16.76
N GLN C 118 31.80 -10.52 17.70
CA GLN C 118 32.31 -10.52 19.03
C GLN C 118 33.12 -11.71 19.47
N GLY C 119 33.22 -12.75 18.64
CA GLY C 119 34.08 -13.90 18.89
C GLY C 119 33.38 -14.99 19.67
N GLU D 1 6.34 -28.73 0.81
CA GLU D 1 6.84 -28.25 2.11
C GLU D 1 6.35 -26.82 2.46
N GLU D 2 6.29 -26.62 3.77
CA GLU D 2 5.83 -25.35 4.33
C GLU D 2 6.74 -24.19 3.89
N ALA D 3 8.05 -24.44 3.80
CA ALA D 3 9.00 -23.43 3.37
C ALA D 3 8.73 -23.04 1.94
N GLU D 4 8.43 -24.02 1.10
CA GLU D 4 8.09 -23.78 -0.31
C GLU D 4 6.78 -22.98 -0.45
N LEU D 5 5.77 -23.31 0.37
CA LEU D 5 4.55 -22.56 0.42
C LEU D 5 4.80 -21.10 0.80
N ALA D 6 5.56 -20.89 1.87
CA ALA D 6 5.93 -19.57 2.34
C ALA D 6 6.62 -18.80 1.22
N TYR D 7 7.50 -19.48 0.49
CA TYR D 7 8.26 -18.86 -0.59
C TYR D 7 7.32 -18.44 -1.73
N LEU D 8 6.42 -19.35 -2.11
CA LEU D 8 5.49 -19.07 -3.17
C LEU D 8 4.59 -17.88 -2.80
N LEU D 9 4.22 -17.78 -1.51
CA LEU D 9 3.34 -16.74 -1.03
C LEU D 9 4.05 -15.42 -1.13
N GLY D 10 5.33 -15.43 -0.78
CA GLY D 10 6.17 -14.24 -0.87
C GLY D 10 6.35 -13.75 -2.31
N GLU D 11 6.60 -14.68 -3.24
CA GLU D 11 6.66 -14.35 -4.65
C GLU D 11 5.33 -13.75 -5.14
N LEU D 12 4.22 -14.42 -4.83
CA LEU D 12 2.90 -13.94 -5.23
C LEU D 12 2.67 -12.51 -4.69
N ALA D 13 2.93 -12.31 -3.40
CA ALA D 13 2.74 -11.03 -2.76
C ALA D 13 3.60 -9.94 -3.41
N TYR D 14 4.86 -10.29 -3.67
CA TYR D 14 5.82 -9.42 -4.34
C TYR D 14 5.32 -8.98 -5.74
N LYS D 15 4.93 -9.95 -6.57
CA LYS D 15 4.38 -9.69 -7.89
C LYS D 15 3.16 -8.77 -7.87
N LEU D 16 2.41 -8.75 -6.77
CA LEU D 16 1.24 -7.91 -6.65
C LEU D 16 1.50 -6.60 -5.90
N GLY D 17 2.76 -6.35 -5.54
CA GLY D 17 3.17 -5.12 -4.91
C GLY D 17 2.90 -5.02 -3.44
N GLU D 18 2.68 -6.16 -2.78
CA GLU D 18 2.42 -6.22 -1.35
C GLU D 18 3.72 -6.63 -0.66
N TYR D 19 4.65 -5.68 -0.57
CA TYR D 19 6.03 -5.93 -0.18
C TYR D 19 6.17 -6.32 1.28
N ARG D 20 5.35 -5.71 2.15
CA ARG D 20 5.35 -6.03 3.57
C ARG D 20 4.95 -7.52 3.79
N ILE D 21 3.90 -7.96 3.09
CA ILE D 21 3.45 -9.33 3.15
C ILE D 21 4.53 -10.26 2.57
N ALA D 22 5.14 -9.86 1.44
CA ALA D 22 6.24 -10.63 0.85
C ALA D 22 7.36 -10.83 1.86
N ILE D 23 7.75 -9.78 2.55
CA ILE D 23 8.84 -9.84 3.52
C ILE D 23 8.49 -10.82 4.63
N ARG D 24 7.29 -10.72 5.17
CA ARG D 24 6.88 -11.61 6.28
C ARG D 24 6.86 -13.07 5.81
N ALA D 25 6.38 -13.32 4.60
CA ALA D 25 6.36 -14.68 4.02
C ALA D 25 7.77 -15.25 3.76
N TYR D 26 8.65 -14.43 3.17
CA TYR D 26 10.04 -14.83 2.90
C TYR D 26 10.80 -15.10 4.20
N ARG D 27 10.50 -14.31 5.26
CA ARG D 27 11.05 -14.57 6.58
C ARG D 27 10.70 -15.96 7.12
N ILE D 28 9.46 -16.42 6.87
CA ILE D 28 9.05 -17.75 7.30
C ILE D 28 9.79 -18.81 6.49
N ALA D 29 9.95 -18.57 5.19
CA ALA D 29 10.67 -19.46 4.31
C ALA D 29 12.12 -19.63 4.80
N LEU D 30 12.76 -18.49 5.11
CA LEU D 30 14.16 -18.45 5.53
C LEU D 30 14.35 -18.98 6.95
N LYS D 31 13.34 -18.86 7.80
CA LYS D 31 13.39 -19.45 9.11
C LYS D 31 13.49 -20.95 8.98
N ARG D 32 12.75 -21.51 8.01
CA ARG D 32 12.75 -22.96 7.78
C ARG D 32 13.96 -23.42 6.98
N ASP D 33 14.42 -22.60 6.03
CA ASP D 33 15.51 -22.95 5.14
C ASP D 33 16.47 -21.76 5.00
N PRO D 34 17.36 -21.54 5.99
CA PRO D 34 18.18 -20.34 6.04
C PRO D 34 19.21 -20.19 4.97
N ASN D 35 19.55 -21.30 4.29
CA ASN D 35 20.53 -21.25 3.20
C ASN D 35 19.94 -21.24 1.82
N ASN D 36 18.67 -20.86 1.72
CA ASN D 36 18.03 -20.69 0.41
C ASN D 36 18.43 -19.36 -0.25
N ALA D 37 19.43 -19.42 -1.13
CA ALA D 37 19.96 -18.25 -1.87
C ALA D 37 18.88 -17.40 -2.58
N GLU D 38 17.91 -18.08 -3.19
CA GLU D 38 16.88 -17.41 -3.95
C GLU D 38 15.88 -16.68 -3.03
N ALA D 39 15.61 -17.25 -1.85
CA ALA D 39 14.81 -16.55 -0.85
C ALA D 39 15.51 -15.24 -0.34
N TRP D 40 16.82 -15.31 -0.07
CA TRP D 40 17.58 -14.11 0.29
C TRP D 40 17.54 -13.06 -0.79
N TYR D 41 17.69 -13.51 -2.04
CA TYR D 41 17.66 -12.64 -3.20
C TYR D 41 16.29 -11.93 -3.26
N ASN D 42 15.22 -12.70 -3.10
CA ASN D 42 13.91 -12.14 -3.23
C ASN D 42 13.50 -11.21 -2.05
N LEU D 43 13.99 -11.55 -0.86
CA LEU D 43 13.83 -10.70 0.28
C LEU D 43 14.49 -9.35 -0.05
N GLY D 44 15.69 -9.44 -0.65
CA GLY D 44 16.41 -8.28 -1.12
C GLY D 44 15.60 -7.41 -2.06
N ASN D 45 14.99 -8.04 -3.07
CA ASN D 45 14.14 -7.31 -3.99
C ASN D 45 12.98 -6.60 -3.30
N ALA D 46 12.35 -7.26 -2.33
CA ALA D 46 11.20 -6.68 -1.63
C ALA D 46 11.58 -5.36 -0.91
N TYR D 47 12.74 -5.39 -0.24
CA TYR D 47 13.31 -4.22 0.39
C TYR D 47 13.72 -3.13 -0.62
N TYR D 48 14.34 -3.57 -1.72
CA TYR D 48 14.68 -2.67 -2.84
C TYR D 48 13.45 -1.90 -3.32
N LYS D 49 12.35 -2.62 -3.54
CA LYS D 49 11.12 -2.00 -4.02
C LYS D 49 10.57 -0.97 -3.07
N GLN D 50 10.85 -1.13 -1.77
CA GLN D 50 10.43 -0.15 -0.75
C GLN D 50 11.41 1.00 -0.53
N GLY D 51 12.51 1.04 -1.27
CA GLY D 51 13.50 2.09 -1.13
C GLY D 51 14.51 1.87 -0.02
N ASP D 52 14.47 0.70 0.62
CA ASP D 52 15.40 0.35 1.71
C ASP D 52 16.65 -0.34 1.13
N TYR D 53 17.53 0.47 0.56
CA TYR D 53 18.65 -0.02 -0.23
C TYR D 53 19.75 -0.72 0.59
N ASP D 54 19.94 -0.26 1.83
CA ASP D 54 20.92 -0.85 2.73
C ASP D 54 20.52 -2.28 3.08
N GLU D 55 19.21 -2.52 3.26
CA GLU D 55 18.73 -3.85 3.57
C GLU D 55 18.84 -4.73 2.32
N ALA D 56 18.39 -4.18 1.18
CA ALA D 56 18.55 -4.84 -0.10
C ALA D 56 20.00 -5.32 -0.28
N ILE D 57 20.96 -4.41 -0.10
CA ILE D 57 22.37 -4.74 -0.24
C ILE D 57 22.76 -5.91 0.64
N GLU D 58 22.42 -5.84 1.93
CA GLU D 58 22.73 -6.91 2.86
C GLU D 58 22.24 -8.28 2.37
N TYR D 59 20.99 -8.34 1.87
CA TYR D 59 20.39 -9.61 1.46
C TYR D 59 20.84 -10.10 0.09
N TYR D 60 21.13 -9.17 -0.83
CA TYR D 60 21.79 -9.52 -2.08
C TYR D 60 23.15 -10.16 -1.78
N GLN D 61 23.88 -9.57 -0.84
CA GLN D 61 25.21 -10.04 -0.52
C GLN D 61 25.12 -11.45 0.02
N LYS D 62 24.16 -11.69 0.92
CA LYS D 62 23.94 -12.98 1.54
C LYS D 62 23.59 -14.04 0.48
N ALA D 63 22.71 -13.67 -0.46
CA ALA D 63 22.32 -14.53 -1.56
C ALA D 63 23.53 -14.97 -2.41
N LEU D 64 24.38 -13.99 -2.74
CA LEU D 64 25.59 -14.20 -3.53
C LEU D 64 26.70 -15.02 -2.81
N GLU D 65 26.76 -14.94 -1.47
CA GLU D 65 27.68 -15.78 -0.71
C GLU D 65 27.29 -17.21 -0.89
N LEU D 66 25.99 -17.46 -0.85
CA LEU D 66 25.41 -18.80 -1.02
C LEU D 66 25.46 -19.28 -2.49
N ASP D 67 25.15 -18.39 -3.43
CA ASP D 67 25.20 -18.74 -4.84
C ASP D 67 25.72 -17.60 -5.69
N PRO D 68 27.05 -17.49 -5.87
CA PRO D 68 27.63 -16.38 -6.61
C PRO D 68 27.26 -16.35 -8.11
N ASN D 69 26.71 -17.44 -8.64
CA ASN D 69 26.35 -17.57 -10.03
C ASN D 69 24.97 -17.01 -10.37
N ASN D 70 24.47 -16.07 -9.57
CA ASN D 70 23.22 -15.39 -9.81
C ASN D 70 23.41 -14.02 -10.45
N ALA D 71 23.37 -13.96 -11.77
CA ALA D 71 23.67 -12.73 -12.52
C ALA D 71 22.73 -11.57 -12.18
N GLU D 72 21.46 -11.89 -11.96
CA GLU D 72 20.45 -10.90 -11.67
C GLU D 72 20.70 -10.26 -10.28
N ALA D 73 21.27 -11.04 -9.36
CA ALA D 73 21.60 -10.55 -8.02
C ALA D 73 22.73 -9.54 -8.10
N TRP D 74 23.77 -9.87 -8.88
CA TRP D 74 24.87 -8.94 -9.12
C TRP D 74 24.35 -7.61 -9.67
N TYR D 75 23.42 -7.72 -10.63
CA TYR D 75 22.79 -6.58 -11.29
C TYR D 75 22.02 -5.70 -10.32
N ASN D 76 21.20 -6.32 -9.46
CA ASN D 76 20.42 -5.57 -8.49
C ASN D 76 21.23 -5.00 -7.37
N LEU D 77 22.31 -5.67 -7.02
CA LEU D 77 23.30 -5.15 -6.09
C LEU D 77 23.85 -3.86 -6.67
N GLY D 78 24.21 -3.88 -7.96
CA GLY D 78 24.62 -2.70 -8.69
C GLY D 78 23.63 -1.55 -8.58
N ASN D 79 22.35 -1.85 -8.83
CA ASN D 79 21.29 -0.86 -8.80
C ASN D 79 21.17 -0.23 -7.44
N ALA D 80 21.27 -1.04 -6.38
CA ALA D 80 21.11 -0.57 -5.02
C ALA D 80 22.26 0.37 -4.64
N TYR D 81 23.47 0.06 -5.10
CA TYR D 81 24.60 0.97 -4.91
C TYR D 81 24.42 2.24 -5.72
N TYR D 82 23.91 2.10 -6.94
CA TYR D 82 23.68 3.23 -7.83
C TYR D 82 22.71 4.22 -7.21
N LYS D 83 21.60 3.69 -6.66
CA LYS D 83 20.57 4.52 -6.02
C LYS D 83 21.07 5.27 -4.79
N GLN D 84 22.21 4.86 -4.22
CA GLN D 84 22.85 5.57 -3.12
C GLN D 84 24.05 6.38 -3.57
N GLY D 85 24.27 6.49 -4.88
CA GLY D 85 25.41 7.21 -5.42
C GLY D 85 26.78 6.61 -5.13
N ASP D 86 26.85 5.30 -4.86
CA ASP D 86 28.10 4.57 -4.73
C ASP D 86 28.48 4.00 -6.09
N TYR D 87 28.93 4.88 -6.97
CA TYR D 87 29.12 4.57 -8.39
C TYR D 87 30.25 3.59 -8.65
N ASP D 88 31.32 3.67 -7.85
CA ASP D 88 32.41 2.71 -7.89
C ASP D 88 31.88 1.30 -7.73
N GLU D 89 31.16 1.08 -6.62
CA GLU D 89 30.64 -0.23 -6.28
C GLU D 89 29.61 -0.69 -7.32
N ALA D 90 28.77 0.24 -7.80
CA ALA D 90 27.79 -0.08 -8.82
C ALA D 90 28.48 -0.59 -10.08
N ILE D 91 29.58 0.06 -10.47
CA ILE D 91 30.34 -0.33 -11.66
C ILE D 91 30.93 -1.73 -11.52
N GLU D 92 31.51 -2.03 -10.36
CA GLU D 92 32.07 -3.35 -10.10
C GLU D 92 31.01 -4.45 -10.29
N TYR D 93 29.80 -4.21 -9.78
CA TYR D 93 28.79 -5.25 -9.75
C TYR D 93 28.03 -5.38 -11.06
N TYR D 94 27.80 -4.27 -11.75
CA TYR D 94 27.28 -4.32 -13.10
C TYR D 94 28.21 -5.11 -14.00
N GLN D 95 29.52 -4.88 -13.84
CA GLN D 95 30.51 -5.59 -14.63
C GLN D 95 30.47 -7.10 -14.36
N LYS D 96 30.33 -7.45 -13.08
CA LYS D 96 30.26 -8.83 -12.67
C LYS D 96 28.99 -9.48 -13.25
N ALA D 97 27.88 -8.73 -13.19
CA ALA D 97 26.61 -9.15 -13.76
C ALA D 97 26.75 -9.49 -15.25
N LEU D 98 27.48 -8.65 -15.99
CA LEU D 98 27.67 -8.84 -17.44
C LEU D 98 28.64 -9.98 -17.78
N GLU D 99 29.69 -10.16 -16.95
CA GLU D 99 30.60 -11.27 -17.08
C GLU D 99 29.83 -12.58 -17.03
N LEU D 100 28.81 -12.65 -16.17
CA LEU D 100 27.92 -13.82 -16.07
C LEU D 100 26.75 -13.84 -17.06
N ASP D 101 26.23 -12.66 -17.42
CA ASP D 101 25.09 -12.57 -18.33
C ASP D 101 25.28 -11.42 -19.33
N PRO D 102 26.06 -11.64 -20.40
CA PRO D 102 26.28 -10.61 -21.42
C PRO D 102 25.00 -10.05 -22.08
N ASN D 103 23.88 -10.76 -22.02
CA ASN D 103 22.63 -10.35 -22.62
C ASN D 103 21.75 -9.44 -21.77
N ASN D 104 22.19 -9.08 -20.56
CA ASN D 104 21.33 -8.31 -19.67
C ASN D 104 20.78 -6.95 -20.23
N ALA D 105 21.54 -6.28 -21.09
CA ALA D 105 21.10 -5.05 -21.75
C ALA D 105 21.17 -4.00 -20.63
N GLU D 106 20.07 -3.38 -20.20
CA GLU D 106 19.85 -3.05 -18.76
C GLU D 106 21.03 -2.88 -17.75
N ALA D 107 21.80 -3.93 -17.42
CA ALA D 107 23.03 -3.78 -16.69
C ALA D 107 24.06 -3.01 -17.52
N LYS D 108 24.04 -3.22 -18.83
CA LYS D 108 24.90 -2.50 -19.75
C LYS D 108 24.56 -1.00 -19.80
N GLN D 109 23.26 -0.69 -19.92
CA GLN D 109 22.82 0.70 -19.84
C GLN D 109 23.20 1.38 -18.53
N ASN D 110 22.93 0.71 -17.41
CA ASN D 110 23.23 1.25 -16.08
C ASN D 110 24.73 1.40 -15.81
N LEU D 111 25.53 0.44 -16.29
CA LEU D 111 26.98 0.54 -16.25
C LEU D 111 27.43 1.87 -16.89
N GLY D 112 26.91 2.14 -18.10
CA GLY D 112 27.17 3.36 -18.83
C GLY D 112 26.75 4.63 -18.09
N ASN D 113 25.58 4.60 -17.46
CA ASN D 113 25.11 5.71 -16.61
C ASN D 113 26.11 5.96 -15.49
N ALA D 114 26.44 4.91 -14.74
CA ALA D 114 27.35 4.97 -13.61
C ALA D 114 28.75 5.50 -14.00
N LYS D 115 29.27 5.03 -15.13
CA LYS D 115 30.58 5.45 -15.63
C LYS D 115 30.58 6.94 -15.96
N GLN D 116 29.45 7.43 -16.46
CA GLN D 116 29.27 8.84 -16.80
C GLN D 116 29.21 9.72 -15.54
N LYS D 117 28.49 9.25 -14.50
CA LYS D 117 28.41 9.93 -13.23
C LYS D 117 29.80 9.96 -12.58
N GLN D 118 30.72 10.80 -13.10
CA GLN D 118 32.08 11.08 -12.53
C GLN D 118 32.63 12.42 -13.05
N GLU E 1 -4.71 -29.75 6.07
CA GLU E 1 -4.55 -28.37 6.62
C GLU E 1 -3.44 -27.59 5.87
N GLU E 2 -2.21 -28.13 5.87
CA GLU E 2 -1.19 -27.65 4.94
C GLU E 2 -1.63 -27.83 3.46
N ALA E 3 -2.30 -28.96 3.19
CA ALA E 3 -2.81 -29.24 1.85
C ALA E 3 -3.83 -28.19 1.44
N GLU E 4 -4.70 -27.83 2.39
CA GLU E 4 -5.71 -26.78 2.18
C GLU E 4 -5.07 -25.41 1.94
N LEU E 5 -4.03 -25.08 2.69
CA LEU E 5 -3.30 -23.84 2.50
C LEU E 5 -2.69 -23.79 1.11
N ALA E 6 -2.02 -24.88 0.70
CA ALA E 6 -1.43 -24.97 -0.61
C ALA E 6 -2.48 -24.77 -1.69
N TYR E 7 -3.65 -25.37 -1.47
CA TYR E 7 -4.76 -25.27 -2.42
C TYR E 7 -5.26 -23.83 -2.52
N LEU E 8 -5.43 -23.18 -1.37
CA LEU E 8 -5.93 -21.83 -1.34
C LEU E 8 -4.95 -20.91 -2.05
N LEU E 9 -3.64 -21.17 -1.90
CA LEU E 9 -2.60 -20.33 -2.49
C LEU E 9 -2.68 -20.47 -4.00
N GLY E 10 -2.89 -21.71 -4.46
CA GLY E 10 -3.06 -22.01 -5.87
C GLY E 10 -4.28 -21.34 -6.50
N GLU E 11 -5.41 -21.38 -5.81
CA GLU E 11 -6.61 -20.68 -6.22
C GLU E 11 -6.37 -19.18 -6.29
N LEU E 12 -5.78 -18.59 -5.23
CA LEU E 12 -5.48 -17.17 -5.23
C LEU E 12 -4.61 -16.81 -6.43
N ALA E 13 -3.53 -17.56 -6.64
CA ALA E 13 -2.60 -17.31 -7.73
C ALA E 13 -3.29 -17.42 -9.08
N TYR E 14 -4.12 -18.45 -9.23
CA TYR E 14 -4.94 -18.69 -10.44
C TYR E 14 -5.87 -17.52 -10.74
N LYS E 15 -6.65 -17.10 -9.74
CA LYS E 15 -7.56 -15.96 -9.85
C LYS E 15 -6.87 -14.68 -10.24
N LEU E 16 -5.56 -14.55 -9.94
CA LEU E 16 -4.81 -13.35 -10.30
C LEU E 16 -3.97 -13.53 -11.55
N GLY E 17 -4.12 -14.67 -12.23
CA GLY E 17 -3.45 -14.94 -13.48
C GLY E 17 -2.00 -15.31 -13.39
N GLU E 18 -1.55 -15.76 -12.21
CA GLU E 18 -0.19 -16.16 -11.95
C GLU E 18 -0.09 -17.67 -11.99
N TYR E 19 -0.18 -18.22 -13.21
CA TYR E 19 -0.45 -19.62 -13.43
C TYR E 19 0.72 -20.53 -13.03
N ARG E 20 1.95 -20.06 -13.21
CA ARG E 20 3.15 -20.79 -12.79
C ARG E 20 3.15 -21.03 -11.28
N ILE E 21 2.84 -19.98 -10.51
CA ILE E 21 2.73 -20.07 -9.06
C ILE E 21 1.57 -20.97 -8.68
N ALA E 22 0.43 -20.82 -9.37
CA ALA E 22 -0.72 -21.71 -9.13
C ALA E 22 -0.36 -23.18 -9.29
N ILE E 23 0.36 -23.50 -10.37
CA ILE E 23 0.73 -24.87 -10.68
C ILE E 23 1.62 -25.41 -9.57
N ARG E 24 2.63 -24.63 -9.16
CA ARG E 24 3.55 -25.08 -8.12
C ARG E 24 2.81 -25.32 -6.80
N ALA E 25 1.88 -24.43 -6.44
CA ALA E 25 1.09 -24.57 -5.22
C ALA E 25 0.13 -25.77 -5.25
N TYR E 26 -0.56 -25.96 -6.38
CA TYR E 26 -1.45 -27.12 -6.53
C TYR E 26 -0.67 -28.45 -6.47
N ARG E 27 0.54 -28.45 -7.02
CA ARG E 27 1.42 -29.63 -6.93
C ARG E 27 1.78 -29.98 -5.48
N ILE E 28 1.96 -28.97 -4.63
CA ILE E 28 2.20 -29.22 -3.22
C ILE E 28 0.97 -29.77 -2.55
N ALA E 29 -0.19 -29.23 -2.90
CA ALA E 29 -1.46 -29.70 -2.38
C ALA E 29 -1.65 -31.16 -2.72
N LEU E 30 -1.38 -31.50 -3.98
CA LEU E 30 -1.57 -32.87 -4.49
C LEU E 30 -0.54 -33.86 -3.97
N LYS E 31 0.67 -33.38 -3.68
CA LYS E 31 1.66 -34.19 -3.04
C LYS E 31 1.15 -34.63 -1.68
N ARG E 32 0.51 -33.71 -0.96
CA ARG E 32 0.00 -33.99 0.37
C ARG E 32 -1.33 -34.74 0.34
N ASP E 33 -2.18 -34.45 -0.65
CA ASP E 33 -3.50 -35.02 -0.75
C ASP E 33 -3.78 -35.42 -2.19
N PRO E 34 -3.26 -36.57 -2.65
CA PRO E 34 -3.37 -36.97 -4.05
C PRO E 34 -4.78 -37.34 -4.51
N ASN E 35 -5.71 -37.54 -3.57
CA ASN E 35 -7.10 -37.83 -3.88
C ASN E 35 -8.04 -36.61 -3.92
N ASN E 36 -7.47 -35.41 -3.91
CA ASN E 36 -8.27 -34.22 -4.01
C ASN E 36 -8.64 -33.91 -5.47
N ALA E 37 -9.84 -34.35 -5.88
CA ALA E 37 -10.34 -34.18 -7.25
C ALA E 37 -10.38 -32.71 -7.70
N GLU E 38 -10.71 -31.81 -6.79
CA GLU E 38 -10.80 -30.38 -7.09
C GLU E 38 -9.41 -29.77 -7.37
N ALA E 39 -8.39 -30.23 -6.64
CA ALA E 39 -7.01 -29.82 -6.95
C ALA E 39 -6.53 -30.29 -8.33
N TRP E 40 -6.83 -31.55 -8.71
CA TRP E 40 -6.50 -32.04 -10.05
C TRP E 40 -7.20 -31.23 -11.12
N TYR E 41 -8.47 -30.96 -10.86
CA TYR E 41 -9.30 -30.17 -11.78
C TYR E 41 -8.72 -28.78 -11.95
N ASN E 42 -8.34 -28.14 -10.85
CA ASN E 42 -7.81 -26.77 -10.93
C ASN E 42 -6.40 -26.69 -11.52
N LEU E 43 -5.61 -27.73 -11.30
CA LEU E 43 -4.33 -27.85 -11.96
C LEU E 43 -4.60 -27.88 -13.47
N GLY E 44 -5.61 -28.67 -13.85
CA GLY E 44 -6.05 -28.74 -15.22
C GLY E 44 -6.42 -27.39 -15.80
N ASN E 45 -7.25 -26.64 -15.06
CA ASN E 45 -7.61 -25.28 -15.48
C ASN E 45 -6.41 -24.37 -15.66
N ALA E 46 -5.42 -24.44 -14.76
CA ALA E 46 -4.22 -23.59 -14.85
C ALA E 46 -3.47 -23.82 -16.16
N TYR E 47 -3.31 -25.09 -16.51
CA TYR E 47 -2.70 -25.48 -17.78
C TYR E 47 -3.58 -25.05 -19.00
N TYR E 48 -4.89 -25.26 -18.87
CA TYR E 48 -5.86 -24.81 -19.89
C TYR E 48 -5.72 -23.30 -20.17
N LYS E 49 -5.65 -22.49 -19.11
CA LYS E 49 -5.48 -21.05 -19.23
C LYS E 49 -4.21 -20.66 -19.94
N GLN E 50 -3.17 -21.49 -19.85
CA GLN E 50 -1.91 -21.26 -20.54
C GLN E 50 -1.85 -21.82 -21.97
N GLY E 51 -2.93 -22.43 -22.44
CA GLY E 51 -2.98 -23.00 -23.78
C GLY E 51 -2.38 -24.40 -23.88
N ASP E 52 -2.01 -25.01 -22.74
CA ASP E 52 -1.42 -26.35 -22.69
C ASP E 52 -2.51 -27.41 -22.54
N TYR E 53 -3.20 -27.68 -23.66
CA TYR E 53 -4.41 -28.49 -23.63
C TYR E 53 -4.19 -29.98 -23.33
N ASP E 54 -3.05 -30.51 -23.77
CA ASP E 54 -2.71 -31.90 -23.52
C ASP E 54 -2.51 -32.15 -22.03
N GLU E 55 -1.91 -31.18 -21.34
CA GLU E 55 -1.70 -31.32 -19.91
C GLU E 55 -3.04 -31.17 -19.18
N ALA E 56 -3.81 -30.16 -19.59
CA ALA E 56 -5.15 -29.94 -19.08
C ALA E 56 -5.96 -31.25 -19.18
N ILE E 57 -5.96 -31.87 -20.36
CA ILE E 57 -6.67 -33.12 -20.58
C ILE E 57 -6.25 -34.19 -19.57
N GLU E 58 -4.93 -34.39 -19.41
CA GLU E 58 -4.42 -35.37 -18.48
C GLU E 58 -4.96 -35.17 -17.05
N TYR E 59 -4.97 -33.92 -16.59
CA TYR E 59 -5.42 -33.61 -15.22
C TYR E 59 -6.92 -33.59 -15.02
N TYR E 60 -7.66 -33.18 -16.06
CA TYR E 60 -9.12 -33.35 -16.07
C TYR E 60 -9.46 -34.82 -15.96
N GLN E 61 -8.72 -35.67 -16.69
CA GLN E 61 -8.99 -37.10 -16.69
CA GLN E 61 -8.98 -37.11 -16.69
C GLN E 61 -8.79 -37.64 -15.29
N LYS E 62 -7.70 -37.24 -14.65
CA LYS E 62 -7.38 -37.66 -13.29
C LYS E 62 -8.48 -37.23 -12.30
N ALA E 63 -8.93 -35.98 -12.45
CA ALA E 63 -9.98 -35.41 -11.61
C ALA E 63 -11.29 -36.22 -11.74
N LEU E 64 -11.64 -36.57 -12.99
CA LEU E 64 -12.80 -37.40 -13.30
C LEU E 64 -12.73 -38.86 -12.85
N GLU E 65 -11.54 -39.44 -12.76
CA GLU E 65 -11.40 -40.79 -12.18
C GLU E 65 -11.83 -40.72 -10.74
N LEU E 66 -11.40 -39.65 -10.05
CA LEU E 66 -11.72 -39.42 -8.66
C LEU E 66 -13.15 -38.94 -8.41
N ASP E 67 -13.68 -38.10 -9.31
CA ASP E 67 -15.06 -37.64 -9.25
C ASP E 67 -15.78 -37.74 -10.60
N PRO E 68 -16.24 -38.94 -11.01
CA PRO E 68 -16.85 -39.09 -12.32
C PRO E 68 -18.19 -38.41 -12.47
N ASN E 69 -18.82 -38.06 -11.35
CA ASN E 69 -20.17 -37.50 -11.42
C ASN E 69 -20.16 -35.97 -11.56
N ASN E 70 -19.02 -35.42 -11.97
CA ASN E 70 -18.74 -33.98 -11.90
C ASN E 70 -18.87 -33.37 -13.28
N ALA E 71 -20.06 -32.81 -13.56
CA ALA E 71 -20.44 -32.37 -14.87
C ALA E 71 -19.55 -31.27 -15.43
N GLU E 72 -19.05 -30.38 -14.57
CA GLU E 72 -18.24 -29.26 -14.99
C GLU E 72 -16.88 -29.76 -15.51
N ALA E 73 -16.38 -30.86 -14.93
CA ALA E 73 -15.13 -31.43 -15.36
C ALA E 73 -15.28 -32.05 -16.75
N TRP E 74 -16.37 -32.79 -16.95
CA TRP E 74 -16.69 -33.35 -18.27
C TRP E 74 -16.76 -32.27 -19.34
N TYR E 75 -17.38 -31.15 -18.96
CA TYR E 75 -17.52 -29.97 -19.80
C TYR E 75 -16.17 -29.35 -20.20
N ASN E 76 -15.26 -29.17 -19.22
CA ASN E 76 -13.94 -28.60 -19.52
C ASN E 76 -13.03 -29.55 -20.30
N LEU E 77 -13.23 -30.85 -20.06
CA LEU E 77 -12.57 -31.85 -20.84
C LEU E 77 -12.98 -31.70 -22.30
N GLY E 78 -14.30 -31.54 -22.52
CA GLY E 78 -14.86 -31.26 -23.85
C GLY E 78 -14.22 -30.05 -24.51
N ASN E 79 -14.10 -28.94 -23.76
CA ASN E 79 -13.55 -27.71 -24.29
C ASN E 79 -12.09 -27.91 -24.73
N ALA E 80 -11.33 -28.65 -23.92
CA ALA E 80 -9.91 -28.88 -24.20
C ALA E 80 -9.73 -29.70 -25.47
N TYR E 81 -10.61 -30.68 -25.68
CA TYR E 81 -10.60 -31.43 -26.93
C TYR E 81 -11.02 -30.57 -28.09
N TYR E 82 -12.02 -29.72 -27.87
CA TYR E 82 -12.54 -28.83 -28.89
C TYR E 82 -11.46 -27.88 -29.38
N LYS E 83 -10.70 -27.29 -28.43
CA LYS E 83 -9.60 -26.38 -28.76
C LYS E 83 -8.48 -27.00 -29.57
N GLN E 84 -8.39 -28.34 -29.57
CA GLN E 84 -7.42 -29.05 -30.40
C GLN E 84 -8.04 -29.66 -31.64
N GLY E 85 -9.30 -29.33 -31.91
CA GLY E 85 -10.01 -29.88 -33.06
C GLY E 85 -10.29 -31.38 -33.00
N ASP E 86 -10.34 -31.95 -31.78
CA ASP E 86 -10.77 -33.33 -31.57
C ASP E 86 -12.27 -33.33 -31.28
N TYR E 87 -13.05 -33.09 -32.34
CA TYR E 87 -14.48 -32.82 -32.24
C TYR E 87 -15.28 -34.03 -31.80
N ASP E 88 -14.86 -35.23 -32.25
CA ASP E 88 -15.45 -36.48 -31.81
C ASP E 88 -15.42 -36.57 -30.30
N GLU E 89 -14.22 -36.44 -29.72
CA GLU E 89 -14.02 -36.56 -28.29
C GLU E 89 -14.77 -35.43 -27.54
N ALA E 90 -14.75 -34.22 -28.11
CA ALA E 90 -15.46 -33.11 -27.49
C ALA E 90 -16.96 -33.42 -27.40
N ILE E 91 -17.53 -34.01 -28.47
CA ILE E 91 -18.95 -34.38 -28.50
C ILE E 91 -19.28 -35.44 -27.41
N GLU E 92 -18.43 -36.46 -27.28
CA GLU E 92 -18.60 -37.47 -26.26
C GLU E 92 -18.70 -36.86 -24.85
N TYR E 93 -17.81 -35.91 -24.56
CA TYR E 93 -17.69 -35.39 -23.20
C TYR E 93 -18.71 -34.31 -22.88
N TYR E 94 -19.05 -33.48 -23.88
CA TYR E 94 -20.16 -32.56 -23.74
C TYR E 94 -21.46 -33.33 -23.46
N GLN E 95 -21.64 -34.45 -24.16
CA GLN E 95 -22.82 -35.29 -23.95
C GLN E 95 -22.86 -35.86 -22.55
N LYS E 96 -21.70 -36.29 -22.05
CA LYS E 96 -21.60 -36.84 -20.72
C LYS E 96 -21.91 -35.73 -19.68
N ALA E 97 -21.37 -34.54 -19.95
CA ALA E 97 -21.62 -33.37 -19.12
C ALA E 97 -23.15 -33.11 -18.98
N LEU E 98 -23.85 -33.19 -20.12
CA LEU E 98 -25.30 -32.93 -20.17
C LEU E 98 -26.16 -34.05 -19.56
N GLU E 99 -25.73 -35.30 -19.71
CA GLU E 99 -26.35 -36.47 -19.06
C GLU E 99 -26.38 -36.22 -17.55
N LEU E 100 -25.31 -35.64 -17.00
CA LEU E 100 -25.22 -35.30 -15.59
C LEU E 100 -25.87 -33.95 -15.22
N ASP E 101 -25.79 -32.96 -16.12
CA ASP E 101 -26.33 -31.64 -15.87
C ASP E 101 -27.04 -31.07 -17.09
N PRO E 102 -28.30 -31.47 -17.35
CA PRO E 102 -29.06 -30.97 -18.51
C PRO E 102 -29.18 -29.45 -18.64
N ASN E 103 -28.98 -28.71 -17.54
CA ASN E 103 -29.07 -27.25 -17.55
C ASN E 103 -27.79 -26.50 -17.89
N ASN E 104 -26.70 -27.20 -18.23
CA ASN E 104 -25.41 -26.51 -18.40
C ASN E 104 -25.35 -25.33 -19.43
N ALA E 105 -26.16 -25.37 -20.49
CA ALA E 105 -26.32 -24.23 -21.39
C ALA E 105 -25.05 -24.03 -22.17
N GLU E 106 -23.92 -23.82 -21.48
CA GLU E 106 -22.62 -23.66 -22.12
C GLU E 106 -22.20 -24.94 -22.87
N ALA E 107 -22.39 -26.09 -22.20
CA ALA E 107 -22.04 -27.38 -22.79
C ALA E 107 -23.00 -27.69 -23.91
N LYS E 108 -24.26 -27.26 -23.77
CA LYS E 108 -25.26 -27.40 -24.83
C LYS E 108 -24.90 -26.60 -26.08
N GLN E 109 -24.51 -25.34 -25.90
CA GLN E 109 -24.04 -24.52 -27.03
C GLN E 109 -22.82 -25.17 -27.74
N ASN E 110 -21.83 -25.56 -26.94
CA ASN E 110 -20.60 -26.12 -27.46
C ASN E 110 -20.80 -27.49 -28.14
N LEU E 111 -21.68 -28.30 -27.54
CA LEU E 111 -22.11 -29.58 -28.13
C LEU E 111 -22.59 -29.36 -29.54
N GLY E 112 -23.48 -28.38 -29.73
CA GLY E 112 -24.02 -28.00 -31.03
C GLY E 112 -22.95 -27.63 -32.04
N ASN E 113 -22.01 -26.78 -31.59
CA ASN E 113 -20.88 -26.39 -32.42
C ASN E 113 -20.06 -27.64 -32.87
N ALA E 114 -19.67 -28.44 -31.87
CA ALA E 114 -18.85 -29.63 -32.08
C ALA E 114 -19.51 -30.64 -33.00
N LYS E 115 -20.83 -30.86 -32.84
CA LYS E 115 -21.57 -31.81 -33.67
C LYS E 115 -21.58 -31.39 -35.09
N GLN E 116 -21.62 -30.07 -35.33
CA GLN E 116 -21.59 -29.52 -36.67
C GLN E 116 -20.22 -29.67 -37.34
N LYS E 117 -19.14 -29.48 -36.56
CA LYS E 117 -17.75 -29.75 -36.98
C LYS E 117 -17.40 -31.28 -37.08
N GLN E 118 -16.40 -31.63 -37.91
CA GLN E 118 -15.81 -32.99 -38.05
C GLN E 118 -14.31 -32.98 -38.48
N GLU F 1 3.45 -20.87 13.12
CA GLU F 1 4.23 -20.85 11.83
C GLU F 1 3.33 -21.13 10.62
N GLU F 2 2.65 -22.29 10.61
CA GLU F 2 1.54 -22.51 9.67
C GLU F 2 0.42 -21.48 9.91
N ALA F 3 0.18 -21.12 11.17
CA ALA F 3 -0.81 -20.13 11.54
C ALA F 3 -0.48 -18.80 10.90
N GLU F 4 0.81 -18.42 10.96
CA GLU F 4 1.29 -17.18 10.38
C GLU F 4 1.16 -17.18 8.85
N LEU F 5 1.49 -18.32 8.23
CA LEU F 5 1.33 -18.47 6.80
C LEU F 5 -0.15 -18.30 6.38
N ALA F 6 -1.04 -19.00 7.10
CA ALA F 6 -2.46 -18.91 6.86
C ALA F 6 -2.94 -17.49 6.99
N TYR F 7 -2.41 -16.78 8.00
CA TYR F 7 -2.80 -15.39 8.24
C TYR F 7 -2.35 -14.49 7.10
N LEU F 8 -1.10 -14.67 6.67
CA LEU F 8 -0.58 -13.87 5.59
C LEU F 8 -1.36 -14.08 4.32
N LEU F 9 -1.81 -15.33 4.09
CA LEU F 9 -2.55 -15.69 2.88
C LEU F 9 -3.87 -15.01 2.90
N GLY F 10 -4.50 -14.98 4.09
CA GLY F 10 -5.79 -14.33 4.31
C GLY F 10 -5.71 -12.84 4.09
N GLU F 11 -4.68 -12.19 4.64
CA GLU F 11 -4.43 -10.76 4.40
C GLU F 11 -4.27 -10.47 2.94
N LEU F 12 -3.38 -11.23 2.27
CA LEU F 12 -3.12 -11.02 0.85
C LEU F 12 -4.44 -11.15 0.05
N ALA F 13 -5.18 -12.23 0.30
CA ALA F 13 -6.43 -12.48 -0.40
C ALA F 13 -7.45 -11.35 -0.15
N TYR F 14 -7.54 -10.91 1.12
CA TYR F 14 -8.40 -9.82 1.52
C TYR F 14 -8.10 -8.51 0.78
N LYS F 15 -6.84 -8.10 0.83
CA LYS F 15 -6.35 -6.93 0.12
C LYS F 15 -6.63 -6.95 -1.38
N LEU F 16 -6.75 -8.13 -1.98
CA LEU F 16 -7.00 -8.25 -3.40
C LEU F 16 -8.47 -8.52 -3.73
N GLY F 17 -9.33 -8.51 -2.71
CA GLY F 17 -10.75 -8.68 -2.93
C GLY F 17 -11.23 -10.10 -3.13
N GLU F 18 -10.41 -11.07 -2.74
CA GLU F 18 -10.72 -12.49 -2.86
C GLU F 18 -11.19 -13.02 -1.52
N TYR F 19 -12.43 -12.64 -1.17
CA TYR F 19 -12.92 -12.74 0.19
C TYR F 19 -13.20 -14.17 0.65
N ARG F 20 -13.64 -15.01 -0.27
CA ARG F 20 -13.87 -16.44 0.01
C ARG F 20 -12.56 -17.11 0.41
N ILE F 21 -11.49 -16.83 -0.34
CA ILE F 21 -10.16 -17.33 -0.03
C ILE F 21 -9.68 -16.79 1.30
N ALA F 22 -9.89 -15.49 1.53
CA ALA F 22 -9.51 -14.86 2.82
C ALA F 22 -10.19 -15.59 3.99
N ILE F 23 -11.49 -15.87 3.86
CA ILE F 23 -12.26 -16.50 4.89
C ILE F 23 -11.67 -17.88 5.22
N ARG F 24 -11.42 -18.67 4.16
CA ARG F 24 -10.96 -20.03 4.36
C ARG F 24 -9.57 -19.99 5.04
N ALA F 25 -8.70 -19.08 4.60
CA ALA F 25 -7.36 -18.95 5.16
C ALA F 25 -7.36 -18.47 6.63
N TYR F 26 -8.18 -17.47 6.96
CA TYR F 26 -8.29 -16.98 8.32
C TYR F 26 -8.85 -18.03 9.27
N ARG F 27 -9.80 -18.86 8.77
CA ARG F 27 -10.28 -19.98 9.57
C ARG F 27 -9.17 -20.96 9.97
N ILE F 28 -8.25 -21.22 9.03
CA ILE F 28 -7.13 -22.10 9.30
C ILE F 28 -6.18 -21.46 10.32
N ALA F 29 -5.95 -20.15 10.17
CA ALA F 29 -5.13 -19.39 11.09
C ALA F 29 -5.67 -19.49 12.48
N LEU F 30 -6.99 -19.29 12.61
CA LEU F 30 -7.66 -19.29 13.91
C LEU F 30 -7.76 -20.66 14.55
N LYS F 31 -7.84 -21.70 13.71
CA LYS F 31 -7.81 -23.05 14.20
C LYS F 31 -6.46 -23.28 14.91
N ARG F 32 -5.39 -22.76 14.32
CA ARG F 32 -4.07 -22.91 14.89
C ARG F 32 -3.75 -21.94 16.02
N ASP F 33 -4.29 -20.72 15.94
CA ASP F 33 -4.01 -19.64 16.89
C ASP F 33 -5.33 -18.93 17.23
N PRO F 34 -6.15 -19.52 18.12
CA PRO F 34 -7.48 -18.97 18.42
C PRO F 34 -7.49 -17.66 19.18
N ASN F 35 -6.35 -17.25 19.73
CA ASN F 35 -6.24 -16.00 20.49
C ASN F 35 -5.73 -14.81 19.66
N ASN F 36 -5.63 -14.98 18.33
CA ASN F 36 -5.29 -13.90 17.49
C ASN F 36 -6.50 -12.96 17.19
N ALA F 37 -6.60 -11.88 17.98
CA ALA F 37 -7.70 -10.90 17.87
C ALA F 37 -7.84 -10.28 16.47
N GLU F 38 -6.71 -10.03 15.82
CA GLU F 38 -6.70 -9.41 14.51
C GLU F 38 -7.20 -10.37 13.44
N ALA F 39 -6.89 -11.67 13.57
CA ALA F 39 -7.47 -12.69 12.69
C ALA F 39 -9.00 -12.77 12.81
N TRP F 40 -9.56 -12.75 14.03
CA TRP F 40 -11.01 -12.75 14.22
C TRP F 40 -11.62 -11.50 13.56
N TYR F 41 -10.97 -10.36 13.78
CA TYR F 41 -11.40 -9.10 13.23
C TYR F 41 -11.44 -9.15 11.71
N ASN F 42 -10.36 -9.64 11.13
CA ASN F 42 -10.27 -9.68 9.66
C ASN F 42 -11.18 -10.72 9.03
N LEU F 43 -11.41 -11.83 9.73
CA LEU F 43 -12.39 -12.82 9.29
C LEU F 43 -13.74 -12.09 9.24
N GLY F 44 -14.02 -11.30 10.27
CA GLY F 44 -15.22 -10.50 10.34
C GLY F 44 -15.36 -9.59 9.12
N ASN F 45 -14.28 -8.84 8.80
CA ASN F 45 -14.31 -7.99 7.63
C ASN F 45 -14.56 -8.74 6.33
N ALA F 46 -13.95 -9.91 6.19
CA ALA F 46 -14.08 -10.70 4.96
C ALA F 46 -15.54 -11.12 4.74
N TYR F 47 -16.21 -11.56 5.83
CA TYR F 47 -17.62 -11.89 5.79
C TYR F 47 -18.50 -10.65 5.53
N TYR F 48 -18.15 -9.52 6.17
CA TYR F 48 -18.82 -8.26 5.94
C TYR F 48 -18.80 -7.89 4.45
N LYS F 49 -17.62 -7.99 3.84
CA LYS F 49 -17.44 -7.66 2.43
C LYS F 49 -18.27 -8.55 1.52
N GLN F 50 -18.57 -9.77 1.96
CA GLN F 50 -19.43 -10.68 1.20
C GLN F 50 -20.93 -10.56 1.48
N GLY F 51 -21.32 -9.62 2.35
CA GLY F 51 -22.73 -9.45 2.66
C GLY F 51 -23.24 -10.38 3.75
N ASP F 52 -22.35 -11.16 4.37
CA ASP F 52 -22.72 -12.13 5.42
C ASP F 52 -22.62 -11.49 6.80
N TYR F 53 -23.62 -10.66 7.12
CA TYR F 53 -23.55 -9.80 8.28
C TYR F 53 -23.64 -10.49 9.64
N ASP F 54 -24.42 -11.58 9.68
CA ASP F 54 -24.53 -12.35 10.92
C ASP F 54 -23.20 -13.00 11.29
N GLU F 55 -22.46 -13.44 10.27
CA GLU F 55 -21.17 -14.04 10.53
C GLU F 55 -20.15 -12.94 10.93
N ALA F 56 -20.17 -11.83 10.20
CA ALA F 56 -19.38 -10.66 10.52
C ALA F 56 -19.58 -10.28 12.00
N ILE F 57 -20.85 -10.17 12.42
CA ILE F 57 -21.16 -9.83 13.79
C ILE F 57 -20.52 -10.81 14.78
N GLU F 58 -20.70 -12.12 14.55
CA GLU F 58 -20.17 -13.14 15.42
C GLU F 58 -18.64 -12.95 15.62
N TYR F 59 -17.91 -12.69 14.52
CA TYR F 59 -16.45 -12.62 14.56
C TYR F 59 -15.92 -11.31 15.08
N TYR F 60 -16.63 -10.21 14.79
CA TYR F 60 -16.35 -8.94 15.43
C TYR F 60 -16.50 -9.04 16.92
N GLN F 61 -17.54 -9.75 17.38
CA GLN F 61 -17.81 -9.88 18.79
C GLN F 61 -16.65 -10.55 19.45
N LYS F 62 -16.21 -11.65 18.83
CA LYS F 62 -15.11 -12.44 19.34
C LYS F 62 -13.82 -11.61 19.43
N ALA F 63 -13.56 -10.86 18.35
CA ALA F 63 -12.39 -9.99 18.24
C ALA F 63 -12.33 -8.96 19.36
N LEU F 64 -13.48 -8.33 19.63
CA LEU F 64 -13.58 -7.32 20.65
C LEU F 64 -13.50 -7.83 22.09
N GLU F 65 -13.91 -9.09 22.33
CA GLU F 65 -13.70 -9.69 23.65
C GLU F 65 -12.22 -9.79 23.90
N LEU F 66 -11.46 -10.20 22.87
CA LEU F 66 -10.03 -10.33 22.93
C LEU F 66 -9.26 -9.00 22.93
N ASP F 67 -9.74 -8.04 22.12
CA ASP F 67 -9.12 -6.71 22.05
C ASP F 67 -10.20 -5.60 22.07
N PRO F 68 -10.70 -5.22 23.25
CA PRO F 68 -11.74 -4.19 23.34
C PRO F 68 -11.29 -2.80 22.91
N ASN F 69 -10.00 -2.58 22.81
CA ASN F 69 -9.49 -1.23 22.53
C ASN F 69 -9.31 -0.96 21.05
N ASN F 70 -9.98 -1.75 20.20
CA ASN F 70 -9.96 -1.54 18.75
C ASN F 70 -11.20 -0.77 18.28
N ALA F 71 -11.03 0.55 18.15
CA ALA F 71 -12.15 1.46 17.84
C ALA F 71 -12.83 1.16 16.50
N GLU F 72 -12.01 0.78 15.52
CA GLU F 72 -12.49 0.49 14.20
C GLU F 72 -13.39 -0.77 14.19
N ALA F 73 -13.09 -1.71 15.10
CA ALA F 73 -13.88 -2.93 15.23
C ALA F 73 -15.26 -2.59 15.78
N TRP F 74 -15.31 -1.75 16.80
CA TRP F 74 -16.60 -1.29 17.36
C TRP F 74 -17.46 -0.64 16.25
N TYR F 75 -16.79 0.17 15.41
CA TYR F 75 -17.40 0.84 14.28
C TYR F 75 -17.99 -0.13 13.24
N ASN F 76 -17.22 -1.16 12.87
CA ASN F 76 -17.68 -2.15 11.89
C ASN F 76 -18.75 -3.07 12.44
N LEU F 77 -18.68 -3.33 13.75
CA LEU F 77 -19.73 -4.05 14.44
C LEU F 77 -21.04 -3.25 14.27
N GLY F 78 -20.96 -1.94 14.52
CA GLY F 78 -22.07 -1.02 14.29
C GLY F 78 -22.66 -1.12 12.90
N ASN F 79 -21.79 -1.08 11.89
CA ASN F 79 -22.21 -1.14 10.49
C ASN F 79 -22.95 -2.43 10.20
N ALA F 80 -22.43 -3.55 10.72
CA ALA F 80 -22.99 -4.86 10.46
C ALA F 80 -24.39 -4.96 11.08
N TYR F 81 -24.56 -4.40 12.28
CA TYR F 81 -25.89 -4.33 12.87
C TYR F 81 -26.82 -3.43 12.08
N TYR F 82 -26.29 -2.31 11.60
CA TYR F 82 -27.06 -1.35 10.83
C TYR F 82 -27.60 -2.01 9.55
N LYS F 83 -26.73 -2.74 8.85
CA LYS F 83 -27.09 -3.44 7.62
C LYS F 83 -28.16 -4.53 7.82
N GLN F 84 -28.37 -4.97 9.06
CA GLN F 84 -29.44 -5.90 9.39
C GLN F 84 -30.63 -5.23 10.04
N GLY F 85 -30.63 -3.90 10.10
CA GLY F 85 -31.70 -3.17 10.75
C GLY F 85 -31.82 -3.33 12.26
N ASP F 86 -30.73 -3.70 12.92
CA ASP F 86 -30.65 -3.74 14.39
C ASP F 86 -30.11 -2.40 14.89
N TYR F 87 -30.96 -1.38 14.83
CA TYR F 87 -30.55 0.01 15.01
C TYR F 87 -30.14 0.33 16.42
N ASP F 88 -30.82 -0.27 17.40
CA ASP F 88 -30.41 -0.15 18.80
C ASP F 88 -28.98 -0.55 18.99
N GLU F 89 -28.65 -1.78 18.55
CA GLU F 89 -27.31 -2.31 18.70
C GLU F 89 -26.28 -1.49 17.91
N ALA F 90 -26.67 -1.04 16.71
CA ALA F 90 -25.79 -0.20 15.90
C ALA F 90 -25.44 1.07 16.66
N ILE F 91 -26.44 1.67 17.29
CA ILE F 91 -26.25 2.90 18.06
C ILE F 91 -25.29 2.69 19.26
N GLU F 92 -25.48 1.59 19.99
CA GLU F 92 -24.61 1.25 21.11
C GLU F 92 -23.13 1.18 20.67
N TYR F 93 -22.88 0.55 19.52
CA TYR F 93 -21.52 0.27 19.11
C TYR F 93 -20.84 1.42 18.40
N TYR F 94 -21.61 2.21 17.64
CA TYR F 94 -21.13 3.45 17.12
C TYR F 94 -20.70 4.37 18.27
N GLN F 95 -21.50 4.41 19.33
CA GLN F 95 -21.20 5.23 20.49
C GLN F 95 -19.92 4.79 21.19
N LYS F 96 -19.74 3.47 21.29
CA LYS F 96 -18.56 2.89 21.90
C LYS F 96 -17.34 3.23 21.03
N ALA F 97 -17.52 3.11 19.70
CA ALA F 97 -16.48 3.47 18.74
C ALA F 97 -16.00 4.91 18.95
N LEU F 98 -16.95 5.83 19.15
CA LEU F 98 -16.63 7.26 19.32
C LEU F 98 -16.02 7.59 20.69
N GLU F 99 -16.46 6.90 21.75
CA GLU F 99 -15.87 7.01 23.09
C GLU F 99 -14.37 6.71 22.99
N LEU F 100 -13.99 5.73 22.17
CA LEU F 100 -12.59 5.38 21.92
C LEU F 100 -11.89 6.17 20.83
N ASP F 101 -12.63 6.59 19.80
CA ASP F 101 -12.07 7.38 18.70
C ASP F 101 -13.00 8.51 18.30
N PRO F 102 -13.00 9.64 19.04
CA PRO F 102 -13.86 10.78 18.72
C PRO F 102 -13.75 11.35 17.31
N ASN F 103 -12.64 11.08 16.61
CA ASN F 103 -12.42 11.57 15.25
C ASN F 103 -13.01 10.74 14.14
N ASN F 104 -13.66 9.61 14.46
CA ASN F 104 -14.24 8.78 13.45
C ASN F 104 -15.55 9.42 12.95
N ALA F 105 -15.45 10.36 12.01
CA ALA F 105 -16.59 11.06 11.44
C ALA F 105 -17.60 10.10 10.77
N GLU F 106 -17.11 8.97 10.25
CA GLU F 106 -17.97 7.97 9.62
C GLU F 106 -18.96 7.33 10.61
N ALA F 107 -18.45 7.02 11.80
CA ALA F 107 -19.25 6.45 12.87
C ALA F 107 -20.26 7.49 13.35
N LYS F 108 -19.86 8.76 13.37
CA LYS F 108 -20.73 9.86 13.72
C LYS F 108 -21.87 10.04 12.71
N GLN F 109 -21.55 10.02 11.42
CA GLN F 109 -22.57 10.03 10.38
C GLN F 109 -23.57 8.87 10.49
N ASN F 110 -23.04 7.66 10.64
CA ASN F 110 -23.86 6.46 10.72
C ASN F 110 -24.72 6.39 12.00
N LEU F 111 -24.14 6.86 13.12
CA LEU F 111 -24.89 7.03 14.35
C LEU F 111 -26.17 7.87 14.10
N GLY F 112 -25.97 9.02 13.43
CA GLY F 112 -27.04 9.91 13.03
C GLY F 112 -28.08 9.26 12.12
N ASN F 113 -27.63 8.47 11.14
CA ASN F 113 -28.52 7.73 10.27
C ASN F 113 -29.37 6.76 11.11
N ALA F 114 -28.72 5.96 11.96
CA ALA F 114 -29.39 5.00 12.81
C ALA F 114 -30.43 5.65 13.75
N LYS F 115 -30.08 6.80 14.34
CA LYS F 115 -30.96 7.52 15.25
C LYS F 115 -32.22 7.99 14.50
N GLN F 116 -32.05 8.36 13.22
CA GLN F 116 -33.14 8.80 12.37
C GLN F 116 -34.07 7.64 11.96
N LYS F 117 -33.50 6.47 11.67
CA LYS F 117 -34.23 5.27 11.27
C LYS F 117 -35.20 4.84 12.35
N GLN F 118 -34.84 5.19 13.58
CA GLN F 118 -35.53 4.73 14.74
C GLN F 118 -36.51 5.71 15.38
N GLY F 119 -36.51 6.99 14.99
CA GLY F 119 -37.35 8.00 15.64
C GLY F 119 -36.94 8.43 17.06
#